data_7LF3
# 
_entry.id   7LF3 
# 
_audit_conform.dict_name       mmcif_pdbx.dic 
_audit_conform.dict_version    5.380 
_audit_conform.dict_location   http://mmcif.pdb.org/dictionaries/ascii/mmcif_pdbx.dic 
# 
loop_
_database_2.database_id 
_database_2.database_code 
_database_2.pdbx_database_accession 
_database_2.pdbx_DOI 
PDB   7LF3         pdb_00007lf3 10.2210/pdb7lf3/pdb 
WWPDB D_1000254167 ?            ?                   
# 
_pdbx_database_status.status_code                     REL 
_pdbx_database_status.status_code_sf                  REL 
_pdbx_database_status.status_code_mr                  ? 
_pdbx_database_status.entry_id                        7LF3 
_pdbx_database_status.recvd_initial_deposition_date   2021-01-15 
_pdbx_database_status.SG_entry                        N 
_pdbx_database_status.deposit_site                    RCSB 
_pdbx_database_status.process_site                    RCSB 
_pdbx_database_status.status_code_cs                  ? 
_pdbx_database_status.status_code_nmr_data            ? 
_pdbx_database_status.methods_development_category    ? 
_pdbx_database_status.pdb_format_compatible           Y 
# 
loop_
_audit_author.name 
_audit_author.pdbx_ordinal 
_audit_author.identifier_ORCID 
'Katti, S.S.'   1 0000-0001-6878-6474 
'Krieger, I.V.' 2 0000-0001-7144-3069 
# 
_citation.abstract                  ? 
_citation.abstract_id_CAS           ? 
_citation.book_id_ISBN              ? 
_citation.book_publisher            ? 
_citation.book_publisher_city       ? 
_citation.book_title                ? 
_citation.coordinate_linkage        ? 
_citation.country                   UK 
_citation.database_id_Medline       ? 
_citation.details                   ? 
_citation.id                        primary 
_citation.journal_abbrev            'Nat Commun' 
_citation.journal_id_ASTM           ? 
_citation.journal_id_CSD            ? 
_citation.journal_id_ISSN           2041-1723 
_citation.journal_full              ? 
_citation.journal_issue             ? 
_citation.journal_volume            13 
_citation.language                  ? 
_citation.page_first                2695 
_citation.page_last                 2695 
_citation.title                     
'Structural anatomy of Protein Kinase C C1 domain interactions with diacylglycerol and other agonists.' 
_citation.year                      2022 
_citation.database_id_CSD           ? 
_citation.pdbx_database_id_DOI      10.1038/s41467-022-30389-2 
_citation.pdbx_database_id_PubMed   35577811 
_citation.unpublished_flag          ? 
# 
loop_
_citation_author.citation_id 
_citation_author.name 
_citation_author.ordinal 
_citation_author.identifier_ORCID 
primary 'Katti, S.S.'       1 ?                   
primary 'Krieger, I.V.'     2 0000-0001-7144-3069 
primary 'Ann, J.'           3 0000-0002-5043-8014 
primary 'Lee, J.'           4 0000-0002-7832-6719 
primary 'Sacchettini, J.C.' 5 0000-0001-5767-2367 
primary 'Igumenova, T.I.'   6 0000-0003-3772-7484 
# 
_cell.angle_alpha                  90.000 
_cell.angle_alpha_esd              ? 
_cell.angle_beta                   92.570 
_cell.angle_beta_esd               ? 
_cell.angle_gamma                  90.000 
_cell.angle_gamma_esd              ? 
_cell.entry_id                     7LF3 
_cell.details                      ? 
_cell.formula_units_Z              ? 
_cell.length_a                     34.913 
_cell.length_a_esd                 ? 
_cell.length_b                     25.943 
_cell.length_b_esd                 ? 
_cell.length_c                     57.642 
_cell.length_c_esd                 ? 
_cell.volume                       ? 
_cell.volume_esd                   ? 
_cell.Z_PDB                        4 
_cell.reciprocal_angle_alpha       ? 
_cell.reciprocal_angle_beta        ? 
_cell.reciprocal_angle_gamma       ? 
_cell.reciprocal_angle_alpha_esd   ? 
_cell.reciprocal_angle_beta_esd    ? 
_cell.reciprocal_angle_gamma_esd   ? 
_cell.reciprocal_length_a          ? 
_cell.reciprocal_length_b          ? 
_cell.reciprocal_length_c          ? 
_cell.reciprocal_length_a_esd      ? 
_cell.reciprocal_length_b_esd      ? 
_cell.reciprocal_length_c_esd      ? 
_cell.pdbx_unique_axis             ? 
# 
_symmetry.entry_id                         7LF3 
_symmetry.cell_setting                     ? 
_symmetry.Int_Tables_number                5 
_symmetry.space_group_name_Hall            ? 
_symmetry.space_group_name_H-M             'C 1 2 1' 
_symmetry.pdbx_full_space_group_name_H-M   ? 
# 
loop_
_entity.id 
_entity.type 
_entity.src_method 
_entity.pdbx_description 
_entity.formula_weight 
_entity.pdbx_number_of_molecules 
_entity.pdbx_ec 
_entity.pdbx_mutation 
_entity.pdbx_fragment 
_entity.details 
1 polymer     man 'Protein kinase C delta type' 6097.217 1  ? ? 'C1B domain' ? 
2 non-polymer syn 'ZINC ION' 65.409   2  ? ? ?            ? 
3 non-polymer syn 
'{(2R,4E)-2-(hydroxymethyl)-4-[5-methyl-3-(2-methylpropyl)hexylidene]-5-oxooxolan-2-yl}methyl 2,2-dimethylpropanoate' 382.534  1  
? ? ?            ? 
4 non-polymer syn '(4S,7R)-7-(heptanoyloxy)-4-hydroxy-N,N,N-trimethyl-10-oxo-3,5,9-trioxa-4-phosphahexadecan-1-aminium 4-oxide' 
482.568  1  ? ? ?            ? 
5 water       nat water 18.015   62 ? ? ?            ? 
# 
_entity_name_com.entity_id   1 
_entity_name_com.name        nPKC-delta 
# 
_entity_poly.entity_id                      1 
_entity_poly.type                           'polypeptide(L)' 
_entity_poly.nstd_linkage                   no 
_entity_poly.nstd_monomer                   no 
_entity_poly.pdbx_seq_one_letter_code       MPHRFKVYNYMSPTFCDHCGSLLWGLVKQGLKCEDCGMNVHHKCREKVANLCG 
_entity_poly.pdbx_seq_one_letter_code_can   MPHRFKVYNYMSPTFCDHCGSLLWGLVKQGLKCEDCGMNVHHKCREKVANLCG 
_entity_poly.pdbx_strand_id                 A 
_entity_poly.pdbx_target_identifier         ? 
# 
loop_
_entity_poly_seq.entity_id 
_entity_poly_seq.num 
_entity_poly_seq.mon_id 
_entity_poly_seq.hetero 
1 1  MET n 
1 2  PRO n 
1 3  HIS n 
1 4  ARG n 
1 5  PHE n 
1 6  LYS n 
1 7  VAL n 
1 8  TYR n 
1 9  ASN n 
1 10 TYR n 
1 11 MET n 
1 12 SER n 
1 13 PRO n 
1 14 THR n 
1 15 PHE n 
1 16 CYS n 
1 17 ASP n 
1 18 HIS n 
1 19 CYS n 
1 20 GLY n 
1 21 SER n 
1 22 LEU n 
1 23 LEU n 
1 24 TRP n 
1 25 GLY n 
1 26 LEU n 
1 27 VAL n 
1 28 LYS n 
1 29 GLN n 
1 30 GLY n 
1 31 LEU n 
1 32 LYS n 
1 33 CYS n 
1 34 GLU n 
1 35 ASP n 
1 36 CYS n 
1 37 GLY n 
1 38 MET n 
1 39 ASN n 
1 40 VAL n 
1 41 HIS n 
1 42 HIS n 
1 43 LYS n 
1 44 CYS n 
1 45 ARG n 
1 46 GLU n 
1 47 LYS n 
1 48 VAL n 
1 49 ALA n 
1 50 ASN n 
1 51 LEU n 
1 52 CYS n 
1 53 GLY n 
# 
_entity_src_gen.entity_id                          1 
_entity_src_gen.pdbx_src_id                        1 
_entity_src_gen.pdbx_alt_source_flag               sample 
_entity_src_gen.pdbx_seq_type                      'Biological sequence' 
_entity_src_gen.pdbx_beg_seq_num                   1 
_entity_src_gen.pdbx_end_seq_num                   53 
_entity_src_gen.gene_src_common_name               Rat 
_entity_src_gen.gene_src_genus                     ? 
_entity_src_gen.pdbx_gene_src_gene                 'Prkcd, rCG_42255' 
_entity_src_gen.gene_src_species                   ? 
_entity_src_gen.gene_src_strain                    ? 
_entity_src_gen.gene_src_tissue                    ? 
_entity_src_gen.gene_src_tissue_fraction           ? 
_entity_src_gen.gene_src_details                   ? 
_entity_src_gen.pdbx_gene_src_fragment             ? 
_entity_src_gen.pdbx_gene_src_scientific_name      'Rattus norvegicus' 
_entity_src_gen.pdbx_gene_src_ncbi_taxonomy_id     10116 
_entity_src_gen.pdbx_gene_src_variant              ? 
_entity_src_gen.pdbx_gene_src_cell_line            ? 
_entity_src_gen.pdbx_gene_src_atcc                 ? 
_entity_src_gen.pdbx_gene_src_organ                ? 
_entity_src_gen.pdbx_gene_src_organelle            ? 
_entity_src_gen.pdbx_gene_src_cell                 ? 
_entity_src_gen.pdbx_gene_src_cellular_location    ? 
_entity_src_gen.host_org_common_name               ? 
_entity_src_gen.pdbx_host_org_scientific_name      'Escherichia coli BL21(DE3)' 
_entity_src_gen.pdbx_host_org_ncbi_taxonomy_id     469008 
_entity_src_gen.host_org_genus                     ? 
_entity_src_gen.pdbx_host_org_gene                 ? 
_entity_src_gen.pdbx_host_org_organ                ? 
_entity_src_gen.host_org_species                   ? 
_entity_src_gen.pdbx_host_org_tissue               ? 
_entity_src_gen.pdbx_host_org_tissue_fraction      ? 
_entity_src_gen.pdbx_host_org_strain               ? 
_entity_src_gen.pdbx_host_org_variant              ? 
_entity_src_gen.pdbx_host_org_cell_line            ? 
_entity_src_gen.pdbx_host_org_atcc                 ? 
_entity_src_gen.pdbx_host_org_culture_collection   ? 
_entity_src_gen.pdbx_host_org_cell                 ? 
_entity_src_gen.pdbx_host_org_organelle            ? 
_entity_src_gen.pdbx_host_org_cellular_location    ? 
_entity_src_gen.pdbx_host_org_vector_type          ? 
_entity_src_gen.pdbx_host_org_vector               ? 
_entity_src_gen.host_org_details                   ? 
_entity_src_gen.expression_system_id               ? 
_entity_src_gen.plasmid_name                       ? 
_entity_src_gen.plasmid_details                    ? 
_entity_src_gen.pdbx_description                   ? 
# 
_struct_ref.id                         1 
_struct_ref.db_name                    UNP 
_struct_ref.db_code                    A0A140UHX0_RAT 
_struct_ref.pdbx_db_accession          A0A140UHX0 
_struct_ref.pdbx_db_isoform            ? 
_struct_ref.entity_id                  1 
_struct_ref.pdbx_seq_one_letter_code   MPHRFKVYNYMSPTFCDHCGSLLWGLVKQGLKCEDCGMNVHHKCREKVANLCG 
_struct_ref.pdbx_align_begin           229 
# 
_struct_ref_seq.align_id                      1 
_struct_ref_seq.ref_id                        1 
_struct_ref_seq.pdbx_PDB_id_code              7LF3 
_struct_ref_seq.pdbx_strand_id                A 
_struct_ref_seq.seq_align_beg                 1 
_struct_ref_seq.pdbx_seq_align_beg_ins_code   ? 
_struct_ref_seq.seq_align_end                 53 
_struct_ref_seq.pdbx_seq_align_end_ins_code   ? 
_struct_ref_seq.pdbx_db_accession             A0A140UHX0 
_struct_ref_seq.db_align_beg                  229 
_struct_ref_seq.pdbx_db_align_beg_ins_code    ? 
_struct_ref_seq.db_align_end                  281 
_struct_ref_seq.pdbx_db_align_end_ins_code    ? 
_struct_ref_seq.pdbx_auth_seq_align_beg       229 
_struct_ref_seq.pdbx_auth_seq_align_end       281 
# 
loop_
_chem_comp.id 
_chem_comp.type 
_chem_comp.mon_nstd_flag 
_chem_comp.name 
_chem_comp.pdbx_synonyms 
_chem_comp.formula 
_chem_comp.formula_weight 
ALA 'L-peptide linking' y ALANINE ?       'C3 H7 N O2'       89.093  
ARG 'L-peptide linking' y ARGININE ?       'C6 H15 N4 O2 1'   175.209 
ASN 'L-peptide linking' y ASPARAGINE ?       'C4 H8 N2 O3'      132.118 
ASP 'L-peptide linking' y 'ASPARTIC ACID' ?       'C4 H7 N O4'       133.103 
CYS 'L-peptide linking' y CYSTEINE ?       'C3 H7 N O2 S'     121.158 
GLN 'L-peptide linking' y GLUTAMINE ?       'C5 H10 N2 O3'     146.144 
GLU 'L-peptide linking' y 'GLUTAMIC ACID' ?       'C5 H9 N O4'       147.129 
GLY 'peptide linking'   y GLYCINE ?       'C2 H5 N O2'       75.067  
HIS 'L-peptide linking' y HISTIDINE ?       'C6 H10 N3 O2 1'   156.162 
HOH non-polymer         . WATER ?       'H2 O'             18.015  
LEU 'L-peptide linking' y LEUCINE ?       'C6 H13 N O2'      131.173 
LYS 'L-peptide linking' y LYSINE ?       'C6 H15 N2 O2 1'   147.195 
MET 'L-peptide linking' y METHIONINE ?       'C5 H11 N O2 S'    149.211 
PHE 'L-peptide linking' y PHENYLALANINE ?       'C9 H11 N O2'      165.189 
PRO 'L-peptide linking' y PROLINE ?       'C5 H9 N O2'       115.130 
SER 'L-peptide linking' y SERINE ?       'C3 H7 N O3'       105.093 
THR 'L-peptide linking' y THREONINE ?       'C4 H9 N O3'       119.119 
TRP 'L-peptide linking' y TRYPTOPHAN ?       'C11 H12 N2 O2'    204.225 
TYR 'L-peptide linking' y TYROSINE ?       'C9 H11 N O3'      181.189 
VAL 'L-peptide linking' y VALINE ?       'C5 H11 N O2'      117.146 
XP5 non-polymer         . 
'(4S,7R)-7-(heptanoyloxy)-4-hydroxy-N,N,N-trimethyl-10-oxo-3,5,9-trioxa-4-phosphahexadecan-1-aminium 4-oxide'         ?       
'C22 H45 N O8 P 1' 482.568 
XZJ non-polymer         . 
'{(2R,4E)-2-(hydroxymethyl)-4-[5-methyl-3-(2-methylpropyl)hexylidene]-5-oxooxolan-2-yl}methyl 2,2-dimethylpropanoate' AJH-836 
'C22 H38 O5'       382.534 
ZN  non-polymer         . 'ZINC ION' ?       'Zn 2'             65.409  
# 
_exptl.absorpt_coefficient_mu     ? 
_exptl.absorpt_correction_T_max   ? 
_exptl.absorpt_correction_T_min   ? 
_exptl.absorpt_correction_type    ? 
_exptl.absorpt_process_details    ? 
_exptl.entry_id                   7LF3 
_exptl.crystals_number            1 
_exptl.details                    ? 
_exptl.method                     'X-RAY DIFFRACTION' 
_exptl.method_details             ? 
# 
_exptl_crystal.colour                      ? 
_exptl_crystal.density_diffrn              ? 
_exptl_crystal.density_Matthews            2.14 
_exptl_crystal.density_method              ? 
_exptl_crystal.density_percent_sol         42.48 
_exptl_crystal.description                 ? 
_exptl_crystal.F_000                       ? 
_exptl_crystal.id                          1 
_exptl_crystal.preparation                 ? 
_exptl_crystal.size_max                    ? 
_exptl_crystal.size_mid                    ? 
_exptl_crystal.size_min                    ? 
_exptl_crystal.size_rad                    ? 
_exptl_crystal.colour_lustre               ? 
_exptl_crystal.colour_modifier             ? 
_exptl_crystal.colour_primary              ? 
_exptl_crystal.density_meas                ? 
_exptl_crystal.density_meas_esd            ? 
_exptl_crystal.density_meas_gt             ? 
_exptl_crystal.density_meas_lt             ? 
_exptl_crystal.density_meas_temp           ? 
_exptl_crystal.density_meas_temp_esd       ? 
_exptl_crystal.density_meas_temp_gt        ? 
_exptl_crystal.density_meas_temp_lt        ? 
_exptl_crystal.pdbx_crystal_image_url      ? 
_exptl_crystal.pdbx_crystal_image_format   ? 
_exptl_crystal.pdbx_mosaicity              ? 
_exptl_crystal.pdbx_mosaicity_esd          ? 
# 
_exptl_crystal_grow.apparatus       ? 
_exptl_crystal_grow.atmosphere      ? 
_exptl_crystal_grow.crystal_id      1 
_exptl_crystal_grow.details         ? 
_exptl_crystal_grow.method          'VAPOR DIFFUSION, HANGING DROP' 
_exptl_crystal_grow.method_ref      ? 
_exptl_crystal_grow.pH              6.5 
_exptl_crystal_grow.pressure        ? 
_exptl_crystal_grow.pressure_esd    ? 
_exptl_crystal_grow.seeding         ? 
_exptl_crystal_grow.seeding_ref     ? 
_exptl_crystal_grow.temp            277.15 
_exptl_crystal_grow.temp_details    ? 
_exptl_crystal_grow.temp_esd        ? 
_exptl_crystal_grow.time            ? 
_exptl_crystal_grow.pdbx_details    
;Screen condition:
0.2 M Ammonium acetate, 
0.1 M Sodium Phosphate,
15% Isopropanol,
pH 6.8;

Drop condition:
Protein: 2 mM in MES pH 6.5, 150 mM KCl,
Phosphatidylcholine: 20 mM, 
AJH-836: 3 mM
;
_exptl_crystal_grow.pdbx_pH_range   ? 
# 
_diffrn.ambient_environment              ? 
_diffrn.ambient_temp                     120 
_diffrn.ambient_temp_details             ? 
_diffrn.ambient_temp_esd                 ? 
_diffrn.crystal_id                       1 
_diffrn.crystal_support                  ? 
_diffrn.crystal_treatment                ? 
_diffrn.details                          ? 
_diffrn.id                               1 
_diffrn.ambient_pressure                 ? 
_diffrn.ambient_pressure_esd             ? 
_diffrn.ambient_pressure_gt              ? 
_diffrn.ambient_pressure_lt              ? 
_diffrn.ambient_temp_gt                  ? 
_diffrn.ambient_temp_lt                  ? 
_diffrn.pdbx_serial_crystal_experiment   N 
# 
_diffrn_detector.details                      ? 
_diffrn_detector.detector                     PIXEL 
_diffrn_detector.diffrn_id                    1 
_diffrn_detector.type                         'DECTRIS PILATUS3 S 6M' 
_diffrn_detector.area_resol_mean              ? 
_diffrn_detector.dtime                        ? 
_diffrn_detector.pdbx_frames_total            ? 
_diffrn_detector.pdbx_collection_time_total   ? 
_diffrn_detector.pdbx_collection_date         2020-12-04 
_diffrn_detector.pdbx_frequency               ? 
# 
_diffrn_radiation.collimation                      ? 
_diffrn_radiation.diffrn_id                        1 
_diffrn_radiation.filter_edge                      ? 
_diffrn_radiation.inhomogeneity                    ? 
_diffrn_radiation.monochromator                    ? 
_diffrn_radiation.polarisn_norm                    ? 
_diffrn_radiation.polarisn_ratio                   ? 
_diffrn_radiation.probe                            ? 
_diffrn_radiation.type                             ? 
_diffrn_radiation.xray_symbol                      ? 
_diffrn_radiation.wavelength_id                    1 
_diffrn_radiation.pdbx_monochromatic_or_laue_m_l   M 
_diffrn_radiation.pdbx_wavelength_list             ? 
_diffrn_radiation.pdbx_wavelength                  ? 
_diffrn_radiation.pdbx_diffrn_protocol             'SINGLE WAVELENGTH' 
_diffrn_radiation.pdbx_analyzer                    ? 
_diffrn_radiation.pdbx_scattering_type             x-ray 
# 
_diffrn_radiation_wavelength.id           1 
_diffrn_radiation_wavelength.wavelength   1.00003 
_diffrn_radiation_wavelength.wt           1.0 
# 
_diffrn_source.current                     ? 
_diffrn_source.details                     ? 
_diffrn_source.diffrn_id                   1 
_diffrn_source.power                       ? 
_diffrn_source.size                        ? 
_diffrn_source.source                      SYNCHROTRON 
_diffrn_source.target                      ? 
_diffrn_source.type                        'ALS BEAMLINE 5.0.2' 
_diffrn_source.voltage                     ? 
_diffrn_source.take-off_angle              ? 
_diffrn_source.pdbx_wavelength_list        1.00003 
_diffrn_source.pdbx_wavelength             ? 
_diffrn_source.pdbx_synchrotron_beamline   5.0.2 
_diffrn_source.pdbx_synchrotron_site       ALS 
# 
_reflns.B_iso_Wilson_estimate            ? 
_reflns.entry_id                         7LF3 
_reflns.data_reduction_details           ? 
_reflns.data_reduction_method            ? 
_reflns.d_resolution_high                1.130 
_reflns.d_resolution_low                 28.790 
_reflns.details                          ? 
_reflns.limit_h_max                      ? 
_reflns.limit_h_min                      ? 
_reflns.limit_k_max                      ? 
_reflns.limit_k_min                      ? 
_reflns.limit_l_max                      ? 
_reflns.limit_l_min                      ? 
_reflns.number_all                       ? 
_reflns.number_obs                       18593 
_reflns.observed_criterion               ? 
_reflns.observed_criterion_F_max         ? 
_reflns.observed_criterion_F_min         ? 
_reflns.observed_criterion_I_max         ? 
_reflns.observed_criterion_I_min         ? 
_reflns.observed_criterion_sigma_F       ? 
_reflns.observed_criterion_sigma_I       ? 
_reflns.percent_possible_obs             95.600 
_reflns.R_free_details                   ? 
_reflns.Rmerge_F_all                     ? 
_reflns.Rmerge_F_obs                     ? 
_reflns.Friedel_coverage                 ? 
_reflns.number_gt                        ? 
_reflns.threshold_expression             ? 
_reflns.pdbx_redundancy                  5.700 
_reflns.pdbx_Rmerge_I_obs                0.128 
_reflns.pdbx_Rmerge_I_all                ? 
_reflns.pdbx_Rsym_value                  ? 
_reflns.pdbx_netI_over_av_sigmaI         15.5 
_reflns.pdbx_netI_over_sigmaI            15.500 
_reflns.pdbx_res_netI_over_av_sigmaI_2   ? 
_reflns.pdbx_res_netI_over_sigmaI_2      ? 
_reflns.pdbx_chi_squared                 ? 
_reflns.pdbx_scaling_rejects             ? 
_reflns.pdbx_d_res_high_opt              ? 
_reflns.pdbx_d_res_low_opt               ? 
_reflns.pdbx_d_res_opt_method            ? 
_reflns.phase_calculation_details        ? 
_reflns.pdbx_Rrim_I_all                  0.145 
_reflns.pdbx_Rpim_I_all                  0.065 
_reflns.pdbx_d_opt                       ? 
_reflns.pdbx_number_measured_all         ? 
_reflns.pdbx_diffrn_id                   1 
_reflns.pdbx_ordinal                     1 
_reflns.pdbx_CC_half                     0.975 
_reflns.pdbx_CC_star                     ? 
_reflns.pdbx_R_split                     ? 
# 
loop_
_reflns_shell.d_res_high 
_reflns_shell.d_res_low 
_reflns_shell.meanI_over_sigI_all 
_reflns_shell.meanI_over_sigI_obs 
_reflns_shell.number_measured_all 
_reflns_shell.number_measured_obs 
_reflns_shell.number_possible 
_reflns_shell.number_unique_all 
_reflns_shell.number_unique_obs 
_reflns_shell.percent_possible_all 
_reflns_shell.percent_possible_obs 
_reflns_shell.Rmerge_F_all 
_reflns_shell.Rmerge_F_obs 
_reflns_shell.Rmerge_I_all 
_reflns_shell.Rmerge_I_obs 
_reflns_shell.meanI_over_sigI_gt 
_reflns_shell.meanI_over_uI_all 
_reflns_shell.meanI_over_uI_gt 
_reflns_shell.number_measured_gt 
_reflns_shell.number_unique_gt 
_reflns_shell.percent_possible_gt 
_reflns_shell.Rmerge_F_gt 
_reflns_shell.Rmerge_I_gt 
_reflns_shell.pdbx_redundancy 
_reflns_shell.pdbx_Rsym_value 
_reflns_shell.pdbx_chi_squared 
_reflns_shell.pdbx_netI_over_sigmaI_all 
_reflns_shell.pdbx_netI_over_sigmaI_obs 
_reflns_shell.pdbx_Rrim_I_all 
_reflns_shell.pdbx_Rpim_I_all 
_reflns_shell.pdbx_rejects 
_reflns_shell.pdbx_ordinal 
_reflns_shell.pdbx_diffrn_id 
_reflns_shell.pdbx_CC_half 
_reflns_shell.pdbx_CC_star 
_reflns_shell.pdbx_R_split 
1.130 1.150  ? ? 4615 ? ? ? 842 86.600 ? ? ? ? 2.304 ? ? ? ? ? ? ? ? 5.500 ? ? ? 0.600  2.547 1.063 ? 1 1 0.396 ? ? 
6.190 28.790 ? ? 656  ? ? ? 132 97.000 ? ? ? ? 0.053 ? ? ? ? ? ? ? ? 5.000 ? ? ? 42.600 0.060 0.028 ? 2 1 0.988 ? ? 
# 
_refine.aniso_B[1][1]                            ? 
_refine.aniso_B[1][2]                            ? 
_refine.aniso_B[1][3]                            ? 
_refine.aniso_B[2][2]                            ? 
_refine.aniso_B[2][3]                            ? 
_refine.aniso_B[3][3]                            ? 
_refine.B_iso_max                                169.090 
_refine.B_iso_mean                               24.4154 
_refine.B_iso_min                                12.050 
_refine.correlation_coeff_Fo_to_Fc               ? 
_refine.correlation_coeff_Fo_to_Fc_free          ? 
_refine.details                                  ? 
_refine.diff_density_max                         ? 
_refine.diff_density_max_esd                     ? 
_refine.diff_density_min                         ? 
_refine.diff_density_min_esd                     ? 
_refine.diff_density_rms                         ? 
_refine.diff_density_rms_esd                     ? 
_refine.entry_id                                 7LF3 
_refine.pdbx_refine_id                           'X-RAY DIFFRACTION' 
_refine.ls_abs_structure_details                 ? 
_refine.ls_abs_structure_Flack                   ? 
_refine.ls_abs_structure_Flack_esd               ? 
_refine.ls_abs_structure_Rogers                  ? 
_refine.ls_abs_structure_Rogers_esd              ? 
_refine.ls_d_res_high                            1.1300 
_refine.ls_d_res_low                             28.7900 
_refine.ls_extinction_coef                       ? 
_refine.ls_extinction_coef_esd                   ? 
_refine.ls_extinction_expression                 ? 
_refine.ls_extinction_method                     ? 
_refine.ls_goodness_of_fit_all                   ? 
_refine.ls_goodness_of_fit_all_esd               ? 
_refine.ls_goodness_of_fit_obs                   ? 
_refine.ls_goodness_of_fit_obs_esd               ? 
_refine.ls_hydrogen_treatment                    ? 
_refine.ls_matrix_type                           ? 
_refine.ls_number_constraints                    ? 
_refine.ls_number_parameters                     ? 
_refine.ls_number_reflns_all                     ? 
_refine.ls_number_reflns_obs                     18562 
_refine.ls_number_reflns_R_free                  1884 
_refine.ls_number_reflns_R_work                  16678 
_refine.ls_number_restraints                     ? 
_refine.ls_percent_reflns_obs                    94.9600 
_refine.ls_percent_reflns_R_free                 10.1500 
_refine.ls_R_factor_all                          ? 
_refine.ls_R_factor_obs                          0.1844 
_refine.ls_R_factor_R_free                       0.1993 
_refine.ls_R_factor_R_free_error                 ? 
_refine.ls_R_factor_R_free_error_details         ? 
_refine.ls_R_factor_R_work                       0.1826 
_refine.ls_R_Fsqd_factor_obs                     ? 
_refine.ls_R_I_factor_obs                        ? 
_refine.ls_redundancy_reflns_all                 ? 
_refine.ls_redundancy_reflns_obs                 ? 
_refine.ls_restrained_S_all                      ? 
_refine.ls_restrained_S_obs                      ? 
_refine.ls_shift_over_esd_max                    ? 
_refine.ls_shift_over_esd_mean                   ? 
_refine.ls_structure_factor_coef                 ? 
_refine.ls_weighting_details                     ? 
_refine.ls_weighting_scheme                      ? 
_refine.ls_wR_factor_all                         ? 
_refine.ls_wR_factor_obs                         ? 
_refine.ls_wR_factor_R_free                      ? 
_refine.ls_wR_factor_R_work                      ? 
_refine.occupancy_max                            ? 
_refine.occupancy_min                            ? 
_refine.solvent_model_details                    'FLAT BULK SOLVENT MODEL' 
_refine.solvent_model_param_bsol                 ? 
_refine.solvent_model_param_ksol                 ? 
_refine.pdbx_R_complete                          ? 
_refine.ls_R_factor_gt                           ? 
_refine.ls_goodness_of_fit_gt                    ? 
_refine.ls_goodness_of_fit_ref                   ? 
_refine.ls_shift_over_su_max                     ? 
_refine.ls_shift_over_su_max_lt                  ? 
_refine.ls_shift_over_su_mean                    ? 
_refine.ls_shift_over_su_mean_lt                 ? 
_refine.pdbx_ls_sigma_I                          ? 
_refine.pdbx_ls_sigma_F                          1.350 
_refine.pdbx_ls_sigma_Fsqd                       ? 
_refine.pdbx_data_cutoff_high_absF               ? 
_refine.pdbx_data_cutoff_high_rms_absF           ? 
_refine.pdbx_data_cutoff_low_absF                ? 
_refine.pdbx_isotropic_thermal_model             ? 
_refine.pdbx_ls_cross_valid_method               THROUGHOUT 
_refine.pdbx_method_to_determine_struct          'MOLECULAR REPLACEMENT' 
_refine.pdbx_starting_model                      1ptq 
_refine.pdbx_stereochemistry_target_values       ML 
_refine.pdbx_R_Free_selection_details            ? 
_refine.pdbx_stereochem_target_val_spec_case     ? 
_refine.pdbx_overall_ESU_R                       ? 
_refine.pdbx_overall_ESU_R_Free                  ? 
_refine.pdbx_solvent_vdw_probe_radii             1.1100 
_refine.pdbx_solvent_ion_probe_radii             ? 
_refine.pdbx_solvent_shrinkage_radii             0.9000 
_refine.pdbx_real_space_R                        ? 
_refine.pdbx_density_correlation                 ? 
_refine.pdbx_pd_number_of_powder_patterns        ? 
_refine.pdbx_pd_number_of_points                 ? 
_refine.pdbx_pd_meas_number_of_points            ? 
_refine.pdbx_pd_proc_ls_prof_R_factor            ? 
_refine.pdbx_pd_proc_ls_prof_wR_factor           ? 
_refine.pdbx_pd_Marquardt_correlation_coeff      ? 
_refine.pdbx_pd_Fsqrd_R_factor                   ? 
_refine.pdbx_pd_ls_matrix_band_width             ? 
_refine.pdbx_overall_phase_error                 24.8200 
_refine.pdbx_overall_SU_R_free_Cruickshank_DPI   ? 
_refine.pdbx_overall_SU_R_free_Blow_DPI          ? 
_refine.pdbx_overall_SU_R_Blow_DPI               ? 
_refine.pdbx_TLS_residual_ADP_flag               ? 
_refine.pdbx_diffrn_id                           1 
_refine.overall_SU_B                             ? 
_refine.overall_SU_ML                            0.1600 
_refine.overall_SU_R_Cruickshank_DPI             ? 
_refine.overall_SU_R_free                        ? 
_refine.overall_FOM_free_R_set                   ? 
_refine.overall_FOM_work_R_set                   ? 
_refine.pdbx_average_fsc_overall                 ? 
_refine.pdbx_average_fsc_work                    ? 
_refine.pdbx_average_fsc_free                    ? 
# 
_refine_hist.pdbx_refine_id                   'X-RAY DIFFRACTION' 
_refine_hist.cycle_id                         final 
_refine_hist.details                          ? 
_refine_hist.d_res_high                       1.1300 
_refine_hist.d_res_low                        28.7900 
_refine_hist.number_atoms_solvent             62 
_refine_hist.number_atoms_total               530 
_refine_hist.number_reflns_all                ? 
_refine_hist.number_reflns_obs                ? 
_refine_hist.number_reflns_R_free             ? 
_refine_hist.number_reflns_R_work             ? 
_refine_hist.R_factor_all                     ? 
_refine_hist.R_factor_obs                     ? 
_refine_hist.R_factor_R_free                  ? 
_refine_hist.R_factor_R_work                  ? 
_refine_hist.pdbx_number_residues_total       52 
_refine_hist.pdbx_B_iso_mean_ligand           46.40 
_refine_hist.pdbx_B_iso_mean_solvent          32.43 
_refine_hist.pdbx_number_atoms_protein        417 
_refine_hist.pdbx_number_atoms_nucleic_acid   0 
_refine_hist.pdbx_number_atoms_ligand         51 
_refine_hist.pdbx_number_atoms_lipid          ? 
_refine_hist.pdbx_number_atoms_carb           ? 
_refine_hist.pdbx_pseudo_atom_details         ? 
# 
loop_
_refine_ls_restr.type 
_refine_ls_restr.dev_ideal 
_refine_ls_restr.dev_ideal_target 
_refine_ls_restr.weight 
_refine_ls_restr.number 
_refine_ls_restr.pdbx_refine_id 
_refine_ls_restr.pdbx_restraint_function 
f_bond_d           0.006  ? ? 504 'X-RAY DIFFRACTION' ? 
f_angle_d          0.942  ? ? 687 'X-RAY DIFFRACTION' ? 
f_dihedral_angle_d 19.892 ? ? 87  'X-RAY DIFFRACTION' ? 
f_chiral_restr     0.079  ? ? 71  'X-RAY DIFFRACTION' ? 
f_plane_restr      0.007  ? ? 83  'X-RAY DIFFRACTION' ? 
# 
loop_
_refine_ls_shell.pdbx_refine_id 
_refine_ls_shell.d_res_high 
_refine_ls_shell.d_res_low 
_refine_ls_shell.number_reflns_all 
_refine_ls_shell.number_reflns_obs 
_refine_ls_shell.number_reflns_R_free 
_refine_ls_shell.number_reflns_R_work 
_refine_ls_shell.percent_reflns_obs 
_refine_ls_shell.percent_reflns_R_free 
_refine_ls_shell.R_factor_all 
_refine_ls_shell.R_factor_obs 
_refine_ls_shell.R_factor_R_free 
_refine_ls_shell.R_factor_R_free_error 
_refine_ls_shell.R_factor_R_work 
_refine_ls_shell.redundancy_reflns_all 
_refine_ls_shell.redundancy_reflns_obs 
_refine_ls_shell.wR_factor_all 
_refine_ls_shell.wR_factor_obs 
_refine_ls_shell.wR_factor_R_free 
_refine_ls_shell.wR_factor_R_work 
_refine_ls_shell.pdbx_R_complete 
_refine_ls_shell.pdbx_total_number_of_bins_used 
_refine_ls_shell.pdbx_phase_error 
_refine_ls_shell.pdbx_fsc_work 
_refine_ls_shell.pdbx_fsc_free 
'X-RAY DIFFRACTION' 1.1300 1.1600  1282 . 127 1155 87.0000 . . . 0.4794 0.0000 0.4655 . . . . . . . 13 . . . 
'X-RAY DIFFRACTION' 1.1600 1.1900  1391 . 144 1247 93.0000 . . . 0.3919 0.0000 0.3706 . . . . . . . 13 . . . 
'X-RAY DIFFRACTION' 1.1900 1.2300  1380 . 133 1247 93.0000 . . . 0.2933 0.0000 0.2975 . . . . . . . 13 . . . 
'X-RAY DIFFRACTION' 1.2300 1.2800  1422 . 153 1269 94.0000 . . . 0.3146 0.0000 0.2758 . . . . . . . 13 . . . 
'X-RAY DIFFRACTION' 1.2800 1.3300  1387 . 141 1246 94.0000 . . . 0.2721 0.0000 0.2387 . . . . . . . 13 . . . 
'X-RAY DIFFRACTION' 1.3300 1.3900  1419 . 146 1273 95.0000 . . . 0.2485 0.0000 0.2105 . . . . . . . 13 . . . 
'X-RAY DIFFRACTION' 1.3900 1.4600  1430 . 134 1296 95.0000 . . . 0.2082 0.0000 0.2077 . . . . . . . 13 . . . 
'X-RAY DIFFRACTION' 1.4600 1.5500  1454 . 148 1306 96.0000 . . . 0.2055 0.0000 0.1862 . . . . . . . 13 . . . 
'X-RAY DIFFRACTION' 1.5500 1.6700  1429 . 149 1280 96.0000 . . . 0.2004 0.0000 0.1721 . . . . . . . 13 . . . 
'X-RAY DIFFRACTION' 1.6700 1.8400  1457 . 140 1317 97.0000 . . . 0.1721 0.0000 0.1729 . . . . . . . 13 . . . 
'X-RAY DIFFRACTION' 1.8400 2.1100  1459 . 151 1308 97.0000 . . . 0.1712 0.0000 0.1633 . . . . . . . 13 . . . 
'X-RAY DIFFRACTION' 2.1100 2.6600  1504 . 155 1349 98.0000 . . . 0.1741 0.0000 0.1721 . . . . . . . 13 . . . 
'X-RAY DIFFRACTION' 2.6600 28.7900 1548 . 163 1385 99.0000 . . . 0.1944 0.0000 0.1646 . . . . . . . 13 . . . 
# 
_struct.entry_id                     7LF3 
_struct.title                        'C1B domain of Protein kinase C in complex with diacylglycerol-lactone AJH-836' 
_struct.pdbx_model_details           ? 
_struct.pdbx_formula_weight          ? 
_struct.pdbx_formula_weight_method   ? 
_struct.pdbx_model_type_details      ? 
_struct.pdbx_CASP_flag               N 
# 
_struct_keywords.entry_id        7LF3 
_struct_keywords.text            'C1, lipid-binding, diacylglycerol-binding, Zn2+ finger, LIPID BINDING PROTEIN' 
_struct_keywords.pdbx_keywords   'LIPID BINDING PROTEIN' 
# 
loop_
_struct_asym.id 
_struct_asym.pdbx_blank_PDB_chainid_flag 
_struct_asym.pdbx_modified 
_struct_asym.entity_id 
_struct_asym.details 
A N N 1 ? 
B N N 2 ? 
C N N 2 ? 
D N N 3 ? 
E N N 4 ? 
F N N 5 ? 
# 
_struct_conf.conf_type_id            HELX_P 
_struct_conf.id                      HELX_P1 
_struct_conf.pdbx_PDB_helix_id       AA1 
_struct_conf.beg_label_comp_id       CYS 
_struct_conf.beg_label_asym_id       A 
_struct_conf.beg_label_seq_id        44 
_struct_conf.pdbx_beg_PDB_ins_code   ? 
_struct_conf.end_label_comp_id       VAL 
_struct_conf.end_label_asym_id       A 
_struct_conf.end_label_seq_id        48 
_struct_conf.pdbx_end_PDB_ins_code   ? 
_struct_conf.beg_auth_comp_id        CYS 
_struct_conf.beg_auth_asym_id        A 
_struct_conf.beg_auth_seq_id         272 
_struct_conf.end_auth_comp_id        VAL 
_struct_conf.end_auth_asym_id        A 
_struct_conf.end_auth_seq_id         276 
_struct_conf.pdbx_PDB_helix_class    5 
_struct_conf.details                 ? 
_struct_conf.pdbx_PDB_helix_length   5 
# 
_struct_conf_type.id          HELX_P 
_struct_conf_type.criteria    ? 
_struct_conf_type.reference   ? 
# 
loop_
_struct_conn.id 
_struct_conn.conn_type_id 
_struct_conn.pdbx_leaving_atom_flag 
_struct_conn.pdbx_PDB_id 
_struct_conn.ptnr1_label_asym_id 
_struct_conn.ptnr1_label_comp_id 
_struct_conn.ptnr1_label_seq_id 
_struct_conn.ptnr1_label_atom_id 
_struct_conn.pdbx_ptnr1_label_alt_id 
_struct_conn.pdbx_ptnr1_PDB_ins_code 
_struct_conn.pdbx_ptnr1_standard_comp_id 
_struct_conn.ptnr1_symmetry 
_struct_conn.ptnr2_label_asym_id 
_struct_conn.ptnr2_label_comp_id 
_struct_conn.ptnr2_label_seq_id 
_struct_conn.ptnr2_label_atom_id 
_struct_conn.pdbx_ptnr2_label_alt_id 
_struct_conn.pdbx_ptnr2_PDB_ins_code 
_struct_conn.ptnr1_auth_asym_id 
_struct_conn.ptnr1_auth_comp_id 
_struct_conn.ptnr1_auth_seq_id 
_struct_conn.ptnr2_auth_asym_id 
_struct_conn.ptnr2_auth_comp_id 
_struct_conn.ptnr2_auth_seq_id 
_struct_conn.ptnr2_symmetry 
_struct_conn.pdbx_ptnr3_label_atom_id 
_struct_conn.pdbx_ptnr3_label_seq_id 
_struct_conn.pdbx_ptnr3_label_comp_id 
_struct_conn.pdbx_ptnr3_label_asym_id 
_struct_conn.pdbx_ptnr3_label_alt_id 
_struct_conn.pdbx_ptnr3_PDB_ins_code 
_struct_conn.details 
_struct_conn.pdbx_dist_value 
_struct_conn.pdbx_value_order 
_struct_conn.pdbx_role 
metalc1 metalc ? ? A HIS 3  ND1 ? ? ? 1_555 B ZN . ZN ? ? A HIS 231 A ZN 301 1_555 ? ? ? ? ? ? ? 2.106 ? ? 
metalc2 metalc ? ? A CYS 16 SG  ? ? ? 1_555 C ZN . ZN ? ? A CYS 244 A ZN 302 1_555 ? ? ? ? ? ? ? 2.322 ? ? 
metalc3 metalc ? ? A CYS 19 SG  ? ? ? 1_555 C ZN . ZN ? ? A CYS 247 A ZN 302 1_555 ? ? ? ? ? ? ? 2.290 ? ? 
metalc4 metalc ? ? A CYS 33 SG  ? ? ? 1_555 B ZN . ZN ? ? A CYS 261 A ZN 301 1_555 ? ? ? ? ? ? ? 2.318 ? ? 
metalc5 metalc ? ? A CYS 36 SG  ? ? ? 1_555 B ZN . ZN ? ? A CYS 264 A ZN 301 1_555 ? ? ? ? ? ? ? 2.321 ? ? 
metalc6 metalc ? ? A HIS 41 ND1 ? ? ? 1_555 C ZN . ZN ? ? A HIS 269 A ZN 302 1_555 ? ? ? ? ? ? ? 2.083 ? ? 
metalc7 metalc ? ? A CYS 44 SG  ? ? ? 1_555 C ZN . ZN ? ? A CYS 272 A ZN 302 1_555 ? ? ? ? ? ? ? 2.299 ? ? 
metalc8 metalc ? ? A CYS 52 SG  ? ? ? 1_555 B ZN . ZN ? ? A CYS 280 A ZN 301 1_555 ? ? ? ? ? ? ? 2.298 ? ? 
# 
_struct_conn_type.id          metalc 
_struct_conn_type.criteria    ? 
_struct_conn_type.reference   ? 
# 
_struct_sheet.id               AA1 
_struct_sheet.type             ? 
_struct_sheet.number_strands   3 
_struct_sheet.details          ? 
# 
loop_
_struct_sheet_order.sheet_id 
_struct_sheet_order.range_id_1 
_struct_sheet_order.range_id_2 
_struct_sheet_order.offset 
_struct_sheet_order.sense 
AA1 1 2 ? anti-parallel 
AA1 2 3 ? anti-parallel 
# 
loop_
_struct_sheet_range.sheet_id 
_struct_sheet_range.id 
_struct_sheet_range.beg_label_comp_id 
_struct_sheet_range.beg_label_asym_id 
_struct_sheet_range.beg_label_seq_id 
_struct_sheet_range.pdbx_beg_PDB_ins_code 
_struct_sheet_range.end_label_comp_id 
_struct_sheet_range.end_label_asym_id 
_struct_sheet_range.end_label_seq_id 
_struct_sheet_range.pdbx_end_PDB_ins_code 
_struct_sheet_range.beg_auth_comp_id 
_struct_sheet_range.beg_auth_asym_id 
_struct_sheet_range.beg_auth_seq_id 
_struct_sheet_range.end_auth_comp_id 
_struct_sheet_range.end_auth_asym_id 
_struct_sheet_range.end_auth_seq_id 
AA1 1 PHE A 5  ? TYR A 8  ? PHE A 233 TYR A 236 
AA1 2 GLY A 30 ? CYS A 33 ? GLY A 258 CYS A 261 
AA1 3 ASN A 39 ? VAL A 40 ? ASN A 267 VAL A 268 
# 
loop_
_pdbx_struct_sheet_hbond.sheet_id 
_pdbx_struct_sheet_hbond.range_id_1 
_pdbx_struct_sheet_hbond.range_id_2 
_pdbx_struct_sheet_hbond.range_1_label_atom_id 
_pdbx_struct_sheet_hbond.range_1_label_comp_id 
_pdbx_struct_sheet_hbond.range_1_label_asym_id 
_pdbx_struct_sheet_hbond.range_1_label_seq_id 
_pdbx_struct_sheet_hbond.range_1_PDB_ins_code 
_pdbx_struct_sheet_hbond.range_1_auth_atom_id 
_pdbx_struct_sheet_hbond.range_1_auth_comp_id 
_pdbx_struct_sheet_hbond.range_1_auth_asym_id 
_pdbx_struct_sheet_hbond.range_1_auth_seq_id 
_pdbx_struct_sheet_hbond.range_2_label_atom_id 
_pdbx_struct_sheet_hbond.range_2_label_comp_id 
_pdbx_struct_sheet_hbond.range_2_label_asym_id 
_pdbx_struct_sheet_hbond.range_2_label_seq_id 
_pdbx_struct_sheet_hbond.range_2_PDB_ins_code 
_pdbx_struct_sheet_hbond.range_2_auth_atom_id 
_pdbx_struct_sheet_hbond.range_2_auth_comp_id 
_pdbx_struct_sheet_hbond.range_2_auth_asym_id 
_pdbx_struct_sheet_hbond.range_2_auth_seq_id 
AA1 1 2 N LYS A 6  ? N LYS A 234 O LYS A 32 ? O LYS A 260 
AA1 2 3 N LEU A 31 ? N LEU A 259 O VAL A 40 ? O VAL A 268 
# 
_atom_sites.entry_id                    7LF3 
_atom_sites.Cartn_transf_matrix[1][1]   ? 
_atom_sites.Cartn_transf_matrix[1][2]   ? 
_atom_sites.Cartn_transf_matrix[1][3]   ? 
_atom_sites.Cartn_transf_matrix[2][1]   ? 
_atom_sites.Cartn_transf_matrix[2][2]   ? 
_atom_sites.Cartn_transf_matrix[2][3]   ? 
_atom_sites.Cartn_transf_matrix[3][1]   ? 
_atom_sites.Cartn_transf_matrix[3][2]   ? 
_atom_sites.Cartn_transf_matrix[3][3]   ? 
_atom_sites.Cartn_transf_vector[1]      ? 
_atom_sites.Cartn_transf_vector[2]      ? 
_atom_sites.Cartn_transf_vector[3]      ? 
_atom_sites.fract_transf_matrix[1][1]   0.02472720 
_atom_sites.fract_transf_matrix[1][2]   0.01194560 
_atom_sites.fract_transf_matrix[1][3]   0.00824232 
_atom_sites.fract_transf_matrix[2][1]   0.01887710 
_atom_sites.fract_transf_matrix[2][2]   -0.02093584 
_atom_sites.fract_transf_matrix[2][3]   -0.02628954 
_atom_sites.fract_transf_matrix[3][1]   -0.00155077 
_atom_sites.fract_transf_matrix[3][2]   0.01297061 
_atom_sites.fract_transf_matrix[3][3]   -0.01144275 
_atom_sites.fract_transf_vector[1]      0.048278 
_atom_sites.fract_transf_vector[2]      0.010593 
_atom_sites.fract_transf_vector[3]      0.274596 
_atom_sites.solution_primary            ? 
_atom_sites.solution_secondary          ? 
_atom_sites.solution_hydrogens          ? 
_atom_sites.special_details             ? 
# 
loop_
_atom_type.symbol 
C  
N  
O  
P  
S  
ZN 
# 
loop_
_atom_site.group_PDB 
_atom_site.id 
_atom_site.type_symbol 
_atom_site.label_atom_id 
_atom_site.label_alt_id 
_atom_site.label_comp_id 
_atom_site.label_asym_id 
_atom_site.label_entity_id 
_atom_site.label_seq_id 
_atom_site.pdbx_PDB_ins_code 
_atom_site.Cartn_x 
_atom_site.Cartn_y 
_atom_site.Cartn_z 
_atom_site.occupancy 
_atom_site.B_iso_or_equiv 
_atom_site.pdbx_formal_charge 
_atom_site.auth_seq_id 
_atom_site.auth_comp_id 
_atom_site.auth_asym_id 
_atom_site.auth_atom_id 
_atom_site.pdbx_PDB_model_num 
ATOM   1   N  N   . MET A 1 1  ? 6.207   11.128  -12.380 1.00 21.77  ?  229 MET A N   1 
ATOM   2   C  CA  . MET A 1 1  ? 5.179   10.228  -12.891 1.00 19.65  ?  229 MET A CA  1 
ATOM   3   C  C   . MET A 1 1  ? 4.513   9.576   -11.698 1.00 18.53  ?  229 MET A C   1 
ATOM   4   O  O   . MET A 1 1  ? 5.198   9.029   -10.842 1.00 21.16  ?  229 MET A O   1 
ATOM   5   C  CB  . MET A 1 1  ? 5.811   9.168   -13.792 1.00 26.45  ?  229 MET A CB  1 
ATOM   6   C  CG  . MET A 1 1  ? 4.817   8.350   -14.591 1.00 44.58  ?  229 MET A CG  1 
ATOM   7   S  SD  . MET A 1 1  ? 3.924   9.322   -15.821 1.00 23.32  ?  229 MET A SD  1 
ATOM   8   C  CE  . MET A 1 1  ? 5.209   10.307  -16.581 1.00 28.77  ?  229 MET A CE  1 
ATOM   9   N  N   . PRO A 1 2  ? 3.190   9.654   -11.630 1.00 17.89  ?  230 PRO A N   1 
ATOM   10  C  CA  . PRO A 1 2  ? 2.489   9.158   -10.441 1.00 17.75  ?  230 PRO A CA  1 
ATOM   11  C  C   . PRO A 1 2  ? 2.543   7.638   -10.330 1.00 15.55  ?  230 PRO A C   1 
ATOM   12  O  O   . PRO A 1 2  ? 2.735   6.907   -11.304 1.00 16.79  ?  230 PRO A O   1 
ATOM   13  C  CB  . PRO A 1 2  ? 1.046   9.642   -10.641 1.00 19.96  ?  230 PRO A CB  1 
ATOM   14  C  CG  . PRO A 1 2  ? 0.953   10.026  -12.070 1.00 30.79  ?  230 PRO A CG  1 
ATOM   15  C  CD  . PRO A 1 2  ? 2.306   10.435  -12.509 1.00 21.40  ?  230 PRO A CD  1 
ATOM   16  N  N   . HIS A 1 3  ? 2.352   7.162   -9.102  1.00 16.30  ?  231 HIS A N   1 
ATOM   17  C  CA  . HIS A 1 3  ? 2.122   5.747   -8.857  1.00 13.89  ?  231 HIS A CA  1 
ATOM   18  C  C   . HIS A 1 3  ? 0.798   5.318   -9.493  1.00 14.73  ?  231 HIS A C   1 
ATOM   19  O  O   . HIS A 1 3  ? -0.060  6.142   -9.831  1.00 15.47  ?  231 HIS A O   1 
ATOM   20  C  CB  . HIS A 1 3  ? 1.972   5.506   -7.358  1.00 16.37  ?  231 HIS A CB  1 
ATOM   21  C  CG  . HIS A 1 3  ? 3.177   5.861   -6.543  1.00 14.59  ?  231 HIS A CG  1 
ATOM   22  N  ND1 . HIS A 1 3  ? 4.329   5.107   -6.557  1.00 16.18  ?  231 HIS A ND1 1 
ATOM   23  C  CD2 . HIS A 1 3  ? 3.400   6.870   -5.665  1.00 16.66  ?  231 HIS A CD2 1 
ATOM   24  C  CE1 . HIS A 1 3  ? 5.209   5.634   -5.724  1.00 17.45  ?  231 HIS A CE1 1 
ATOM   25  N  NE2 . HIS A 1 3  ? 4.674   6.708   -5.175  1.00 17.93  ?  231 HIS A NE2 1 
ATOM   26  N  N   . ARG A 1 4  ? 0.626   4.004   -9.645  1.00 13.90  ?  232 ARG A N   1 
ATOM   27  C  CA  . ARG A 1 4  ? -0.637  3.430   -10.111 1.00 13.84  ?  232 ARG A CA  1 
ATOM   28  C  C   . ARG A 1 4  ? -1.061  2.390   -9.076  1.00 13.79  ?  232 ARG A C   1 
ATOM   29  O  O   . ARG A 1 4  ? -0.754  1.206   -9.197  1.00 14.09  ?  232 ARG A O   1 
ATOM   30  C  CB  . ARG A 1 4  ? -0.476  2.824   -11.500 1.00 13.38  ?  232 ARG A CB  1 
ATOM   31  C  CG  . ARG A 1 4  ? -0.378  3.904   -12.541 1.00 13.34  ?  232 ARG A CG  1 
ATOM   32  C  CD  . ARG A 1 4  ? -0.524  3.381   -13.941 1.00 15.24  ?  232 ARG A CD  1 
ATOM   33  N  NE  . ARG A 1 4  ? 0.531   2.452   -14.311 1.00 21.10  ?  232 ARG A NE  1 
ATOM   34  C  CZ  . ARG A 1 4  ? 0.501   1.723   -15.421 1.00 56.84  ?  232 ARG A CZ  1 
ATOM   35  N  NH1 . ARG A 1 4  ? -0.539  1.815   -16.241 1.00 27.79  ?  232 ARG A NH1 1 
ATOM   36  N  NH2 . ARG A 1 4  ? 1.495   0.893   -15.705 1.00 33.53  ?  232 ARG A NH2 1 
ATOM   37  N  N   . PHE A 1 5  ? -1.768  2.828   -8.043  1.00 12.81  ?  233 PHE A N   1 
ATOM   38  C  CA  . PHE A 1 5  ? -2.156  1.926   -6.970  1.00 12.47  ?  233 PHE A CA  1 
ATOM   39  C  C   . PHE A 1 5  ? -3.388  1.100   -7.305  1.00 13.39  ?  233 PHE A C   1 
ATOM   40  O  O   . PHE A 1 5  ? -4.330  1.569   -7.960  1.00 15.60  ?  233 PHE A O   1 
ATOM   41  C  CB  . PHE A 1 5  ? -2.398  2.714   -5.685  1.00 13.72  ?  233 PHE A CB  1 
ATOM   42  C  CG  . PHE A 1 5  ? -1.141  3.169   -5.019  1.00 13.53  ?  233 PHE A CG  1 
ATOM   43  C  CD1 . PHE A 1 5  ? -0.328  2.256   -4.378  1.00 14.14  ?  233 PHE A CD1 1 
ATOM   44  C  CD2 . PHE A 1 5  ? -0.773  4.503   -5.034  1.00 15.00  ?  233 PHE A CD2 1 
ATOM   45  C  CE1 . PHE A 1 5  ? 0.833   2.660   -3.754  1.00 14.96  ?  233 PHE A CE1 1 
ATOM   46  C  CE2 . PHE A 1 5  ? 0.387   4.912   -4.411  1.00 16.12  ?  233 PHE A CE2 1 
ATOM   47  C  CZ  . PHE A 1 5  ? 1.196   3.993   -3.782  1.00 17.16  ?  233 PHE A CZ  1 
ATOM   48  N  N   . LYS A 1 6  ? -3.378  -0.138  -6.822  1.00 12.56  ?  234 LYS A N   1 
ATOM   49  C  CA  . LYS A 1 6  ? -4.525  -1.031  -6.926  1.00 12.88  ?  234 LYS A CA  1 
ATOM   50  C  C   . LYS A 1 6  ? -4.769  -1.663  -5.562  1.00 13.16  ?  234 LYS A C   1 
ATOM   51  O  O   . LYS A 1 6  ? -3.834  -1.934  -4.805  1.00 13.63  ?  234 LYS A O   1 
ATOM   52  C  CB  . LYS A 1 6  ? -4.271  -2.151  -7.953  1.00 16.66  ?  234 LYS A CB  1 
ATOM   53  C  CG  . LYS A 1 6  ? -3.025  -2.975  -7.641  1.00 18.25  ?  234 LYS A CG  1 
ATOM   54  C  CD  . LYS A 1 6  ? -2.712  -4.011  -8.697  1.00 17.68  ?  234 LYS A CD  1 
ATOM   55  C  CE  . LYS A 1 6  ? -1.423  -4.719  -8.363  1.00 17.31  ?  234 LYS A CE  1 
ATOM   56  N  NZ  . LYS A 1 6  ? -1.111  -5.759  -9.371  1.00 18.83  ?  234 LYS A NZ  1 
ATOM   57  N  N   . VAL A 1 7  ? -6.039  -1.898  -5.233  1.00 14.26  ?  235 VAL A N   1 
ATOM   58  C  CA  . VAL A 1 7  ? -6.343  -2.650  -4.022  1.00 14.92  ?  235 VAL A CA  1 
ATOM   59  C  C   . VAL A 1 7  ? -5.722  -4.032  -4.124  1.00 14.77  ?  235 VAL A C   1 
ATOM   60  O  O   . VAL A 1 7  ? -5.820  -4.701  -5.158  1.00 15.76  ?  235 VAL A O   1 
ATOM   61  C  CB  . VAL A 1 7  ? -7.862  -2.730  -3.813  1.00 16.90  ?  235 VAL A CB  1 
ATOM   62  C  CG1 . VAL A 1 7  ? -8.179  -3.592  -2.606  1.00 18.40  ?  235 VAL A CG1 1 
ATOM   63  C  CG2 . VAL A 1 7  ? -8.457  -1.341  -3.626  1.00 18.60  ?  235 VAL A CG2 1 
ATOM   64  N  N   . TYR A 1 8  ? -5.058  -4.463  -3.055  1.00 13.96  ?  236 TYR A N   1 
ATOM   65  C  CA  . TYR A 1 8  ? -4.300  -5.703  -3.069  1.00 14.27  ?  236 TYR A CA  1 
ATOM   66  C  C   . TYR A 1 8  ? -4.572  -6.514  -1.808  1.00 14.09  ?  236 TYR A C   1 
ATOM   67  O  O   . TYR A 1 8  ? -5.059  -5.995  -0.804  1.00 14.89  ?  236 TYR A O   1 
ATOM   68  C  CB  . TYR A 1 8  ? -2.807  -5.394  -3.224  1.00 14.89  ?  236 TYR A CB  1 
ATOM   69  C  CG  . TYR A 1 8  ? -2.022  -6.541  -3.789  1.00 16.34  ?  236 TYR A CG  1 
ATOM   70  C  CD1 . TYR A 1 8  ? -2.083  -6.841  -5.140  1.00 16.93  ?  236 TYR A CD1 1 
ATOM   71  C  CD2 . TYR A 1 8  ? -1.206  -7.310  -2.982  1.00 18.52  ?  236 TYR A CD2 1 
ATOM   72  C  CE1 . TYR A 1 8  ? -1.367  -7.907  -5.666  1.00 18.60  ?  236 TYR A CE1 1 
ATOM   73  C  CE2 . TYR A 1 8  ? -0.481  -8.366  -3.497  1.00 20.34  ?  236 TYR A CE2 1 
ATOM   74  C  CZ  . TYR A 1 8  ? -0.563  -8.651  -4.836  1.00 19.33  ?  236 TYR A CZ  1 
ATOM   75  O  OH  . TYR A 1 8  ? 0.164   -9.707  -5.340  1.00 24.64  ?  236 TYR A OH  1 
ATOM   76  N  N   . ASN A 1 9  ? -4.254  -7.809  -1.886  1.00 14.40  ?  237 ASN A N   1 
ATOM   77  C  CA  . ASN A 1 9  ? -4.577  -8.783  -0.851  1.00 14.90  ?  237 ASN A CA  1 
ATOM   78  C  C   . ASN A 1 9  ? -3.270  -9.410  -0.413  1.00 15.98  ?  237 ASN A C   1 
ATOM   79  O  O   . ASN A 1 9  ? -2.598  -10.080 -1.202  1.00 19.42  ?  237 ASN A O   1 
ATOM   80  C  CB  . ASN A 1 9  ? -5.546  -9.832  -1.389  1.00 16.53  ?  237 ASN A CB  1 
ATOM   81  C  CG  . ASN A 1 9  ? -6.889  -9.250  -1.675  1.00 16.06  ?  237 ASN A CG  1 
ATOM   82  O  OD1 . ASN A 1 9  ? -7.746  -9.195  -0.804  1.00 18.03  ?  237 ASN A OD1 1 
ATOM   83  N  ND2 . ASN A 1 9  ? -7.078  -8.787  -2.903  1.00 17.56  ?  237 ASN A ND2 1 
ATOM   84  N  N   . TYR A 1 10 ? -2.905  -9.179  0.839   1.00 17.11  ?  238 TYR A N   1 
ATOM   85  C  CA  . TYR A 1 10 ? -1.623  -9.591  1.373   1.00 15.23  ?  238 TYR A CA  1 
ATOM   86  C  C   . TYR A 1 10 ? -1.789  -10.880 2.167   1.00 16.70  ?  238 TYR A C   1 
ATOM   87  O  O   . TYR A 1 10 ? -2.808  -11.086 2.829   1.00 16.63  ?  238 TYR A O   1 
ATOM   88  C  CB  . TYR A 1 10 ? -1.033  -8.468  2.231   1.00 14.95  ?  238 TYR A CB  1 
ATOM   89  C  CG  . TYR A 1 10 ? -0.787  -7.218  1.410   1.00 14.28  ?  238 TYR A CG  1 
ATOM   90  C  CD1 . TYR A 1 10 ? -1.777  -6.267  1.232   1.00 13.48  ?  238 TYR A CD1 1 
ATOM   91  C  CD2 . TYR A 1 10 ? 0.419   -7.034  0.772   1.00 15.17  ?  238 TYR A CD2 1 
ATOM   92  C  CE1 . TYR A 1 10 ? -1.564  -5.141  0.448   1.00 13.98  ?  238 TYR A CE1 1 
ATOM   93  C  CE2 . TYR A 1 10 ? 0.650   -5.916  -0.007  1.00 14.54  ?  238 TYR A CE2 1 
ATOM   94  C  CZ  . TYR A 1 10 ? -0.342  -4.972  -0.157  1.00 14.32  ?  238 TYR A CZ  1 
ATOM   95  O  OH  . TYR A 1 10 ? -0.113  -3.850  -0.941  1.00 14.72  ?  238 TYR A OH  1 
ATOM   96  N  N   . MET A 1 11 ? -0.789  -11.753 2.070   1.00 17.81  ?  239 MET A N   1 
ATOM   97  C  CA  A MET A 1 11 ? -0.767  -13.084 2.665   0.30 20.10  ?  239 MET A CA  1 
ATOM   98  C  CA  B MET A 1 11 ? -0.857  -13.032 2.763   0.70 14.83  ?  239 MET A CA  1 
ATOM   99  C  C   . MET A 1 11 ? 0.301   -13.243 3.733   1.00 18.33  ?  239 MET A C   1 
ATOM   100 O  O   . MET A 1 11 ? 0.432   -14.337 4.300   1.00 20.99  ?  239 MET A O   1 
ATOM   101 C  CB  A MET A 1 11 ? -0.481  -14.145 1.592   0.30 13.05  ?  239 MET A CB  1 
ATOM   102 C  CB  B MET A 1 11 ? -0.960  -14.178 1.754   0.70 21.71  ?  239 MET A CB  1 
ATOM   103 C  CG  A MET A 1 11 ? -1.114  -13.930 0.239   0.30 44.29  ?  239 MET A CG  1 
ATOM   104 C  CG  B MET A 1 11 ? -2.212  -14.090 0.889   0.70 26.26  ?  239 MET A CG  1 
ATOM   105 S  SD  A MET A 1 11 ? -1.637  -15.525 -0.429  0.30 62.27  ?  239 MET A SD  1 
ATOM   106 S  SD  B MET A 1 11 ? -2.410  -15.497 -0.216  0.70 34.56  ?  239 MET A SD  1 
ATOM   107 C  CE  A MET A 1 11 ? -3.374  -15.557 -0.019  0.30 47.93  ?  239 MET A CE  1 
ATOM   108 C  CE  B MET A 1 11 ? -1.142  -15.167 -1.440  0.70 50.86  ?  239 MET A CE  1 
ATOM   109 N  N   . SER A 1 12 ? 1.113   -12.221 3.960   1.00 18.21  ?  240 SER A N   1 
ATOM   110 C  CA  A SER A 1 12 ? 2.191   -12.244 4.935   0.30 17.21  ?  240 SER A CA  1 
ATOM   111 C  CA  B SER A 1 12 ? 2.169   -12.247 4.959   0.70 18.70  ?  240 SER A CA  1 
ATOM   112 C  C   . SER A 1 12 ? 2.284   -10.843 5.521   1.00 17.80  ?  240 SER A C   1 
ATOM   113 O  O   . SER A 1 12 ? 1.840   -9.879  4.883   1.00 16.49  ?  240 SER A O   1 
ATOM   114 C  CB  A SER A 1 12 ? 3.505   -12.641 4.245   0.30 21.82  ?  240 SER A CB  1 
ATOM   115 C  CB  B SER A 1 12 ? 3.509   -12.704 4.362   0.70 18.28  ?  240 SER A CB  1 
ATOM   116 O  OG  A SER A 1 12 ? 4.588   -12.751 5.145   0.30 16.70  ?  240 SER A OG  1 
ATOM   117 O  OG  B SER A 1 12 ? 3.984   -11.784 3.398   0.70 22.70  ?  240 SER A OG  1 
ATOM   118 N  N   . PRO A 1 13 ? 2.834   -10.688 6.727   1.00 16.44  ?  241 PRO A N   1 
ATOM   119 C  CA  . PRO A 1 13 ? 2.825   -9.358  7.362   1.00 17.82  ?  241 PRO A CA  1 
ATOM   120 C  C   . PRO A 1 13 ? 3.516   -8.322  6.493   1.00 15.88  ?  241 PRO A C   1 
ATOM   121 O  O   . PRO A 1 13 ? 4.684   -8.465  6.137   1.00 17.90  ?  241 PRO A O   1 
ATOM   122 C  CB  . PRO A 1 13 ? 3.566   -9.590  8.681   1.00 19.63  ?  241 PRO A CB  1 
ATOM   123 C  CG  . PRO A 1 13 ? 3.305   -11.015 9.004   1.00 21.73  ?  241 PRO A CG  1 
ATOM   124 C  CD  . PRO A 1 13 ? 3.254   -11.738 7.678   1.00 18.96  ?  241 PRO A CD  1 
ATOM   125 N  N   . THR A 1 14 ? 2.783   -7.254  6.180   1.00 15.84  ?  242 THR A N   1 
ATOM   126 C  CA  . THR A 1 14 ? 3.240   -6.225  5.259   1.00 13.07  ?  242 THR A CA  1 
ATOM   127 C  C   . THR A 1 14 ? 2.996   -4.876  5.902   1.00 14.61  ?  242 THR A C   1 
ATOM   128 O  O   . THR A 1 14 ? 1.906   -4.634  6.414   1.00 15.18  ?  242 THR A O   1 
ATOM   129 C  CB  . THR A 1 14 ? 2.489   -6.327  3.928   1.00 16.05  ?  242 THR A CB  1 
ATOM   130 O  OG1 . THR A 1 14 ? 2.642   -7.648  3.396   1.00 16.66  ?  242 THR A OG1 1 
ATOM   131 C  CG2 . THR A 1 14 ? 3.004   -5.304  2.918   1.00 16.91  ?  242 THR A CG2 1 
ATOM   132 N  N   . PHE A 1 15 ? 4.007   -4.016  5.885   1.00 14.91  ?  243 PHE A N   1 
ATOM   133 C  CA  . PHE A 1 15 ? 3.888   -2.679  6.447   1.00 15.80  ?  243 PHE A CA  1 
ATOM   134 C  C   . PHE A 1 15 ? 3.560   -1.668  5.361   1.00 16.78  ?  243 PHE A C   1 
ATOM   135 O  O   . PHE A 1 15 ? 3.876   -1.857  4.187   1.00 16.32  ?  243 PHE A O   1 
ATOM   136 C  CB  . PHE A 1 15 ? 5.182   -2.273  7.148   1.00 18.10  ?  243 PHE A CB  1 
ATOM   137 C  CG  . PHE A 1 15 ? 5.442   -3.051  8.394   1.00 18.46  ?  243 PHE A CG  1 
ATOM   138 C  CD1 . PHE A 1 15 ? 6.158   -4.236  8.346   1.00 20.06  ?  243 PHE A CD1 1 
ATOM   139 C  CD2 . PHE A 1 15 ? 4.915   -2.640  9.602   1.00 18.41  ?  243 PHE A CD2 1 
ATOM   140 C  CE1 . PHE A 1 15 ? 6.378   -4.974  9.491   1.00 27.40  ?  243 PHE A CE1 1 
ATOM   141 C  CE2 . PHE A 1 15 ? 5.129   -3.371  10.751  1.00 23.09  ?  243 PHE A CE2 1 
ATOM   142 C  CZ  . PHE A 1 15 ? 5.861   -4.540  10.695  1.00 24.67  ?  243 PHE A CZ  1 
ATOM   143 N  N   . CYS A 1 16 ? 2.913   -0.585  5.773   1.00 14.50  ?  244 CYS A N   1 
ATOM   144 C  CA  . CYS A 1 16 ? 2.718   0.554   4.892   1.00 14.16  ?  244 CYS A CA  1 
ATOM   145 C  C   . CYS A 1 16 ? 4.050   1.265   4.698   1.00 15.66  ?  244 CYS A C   1 
ATOM   146 O  O   . CYS A 1 16 ? 4.687   1.694   5.669   1.00 15.46  ?  244 CYS A O   1 
ATOM   147 C  CB  . CYS A 1 16 ? 1.690   1.493   5.516   1.00 13.80  ?  244 CYS A CB  1 
ATOM   148 S  SG  . CYS A 1 16 ? 1.394   3.001   4.559   1.00 13.89  ?  244 CYS A SG  1 
ATOM   149 N  N   . ASP A 1 17 ? 4.457   1.400   3.436   1.00 15.22  ?  245 ASP A N   1 
ATOM   150 C  CA  . ASP A 1 17 ? 5.717   2.047   3.112   1.00 17.37  ?  245 ASP A CA  1 
ATOM   151 C  C   . ASP A 1 17 ? 5.666   3.543   3.355   1.00 18.32  ?  245 ASP A C   1 
ATOM   152 O  O   . ASP A 1 17 ? 6.719   4.190   3.350   1.00 23.73  ?  245 ASP A O   1 
ATOM   153 C  CB  . ASP A 1 17 ? 6.118   1.753   1.662   1.00 16.44  ?  245 ASP A CB  1 
ATOM   154 C  CG  . ASP A 1 17 ? 6.384   0.284   1.407   1.00 22.33  ?  245 ASP A CG  1 
ATOM   155 O  OD1 . ASP A 1 17 ? 6.901   -0.410  2.311   1.00 20.63  ?  245 ASP A OD1 1 
ATOM   156 O  OD2 . ASP A 1 17 ? 6.097   -0.183  0.284   1.00 19.27  ?  245 ASP A OD2 1 
ATOM   157 N  N   . HIS A 1 18 ? 4.481   4.100   3.581   1.00 14.22  ?  246 HIS A N   1 
ATOM   158 C  CA  . HIS A 1 18 ? 4.358   5.518   3.875   1.00 15.45  ?  246 HIS A CA  1 
ATOM   159 C  C   . HIS A 1 18 ? 4.439   5.793   5.372   1.00 16.44  ?  246 HIS A C   1 
ATOM   160 O  O   . HIS A 1 18 ? 5.313   6.549   5.810   1.00 16.24  ?  246 HIS A O   1 
ATOM   161 C  CB  . HIS A 1 18 ? 3.098   6.122   3.242   1.00 16.53  ?  246 HIS A CB  1 
ATOM   162 C  CG  . HIS A 1 18 ? 2.831   7.526   3.684   1.00 16.30  ?  246 HIS A CG  1 
ATOM   163 N  ND1 . HIS A 1 18 ? 3.437   8.605   3.081   1.00 17.04  ?  246 HIS A ND1 1 
ATOM   164 C  CD2 . HIS A 1 18 ? 1.968   8.039   4.592   1.00 16.67  ?  246 HIS A CD2 1 
ATOM   165 C  CE1 . HIS A 1 18 ? 3.018   9.719   3.654   1.00 17.84  ?  246 HIS A CE1 1 
ATOM   166 N  NE2 . HIS A 1 18 ? 2.119   9.406   4.568   1.00 18.53  ?  246 HIS A NE2 1 
ATOM   167 N  N   . CYS A 1 19 ? 3.554   5.188   6.170   1.00 14.88  ?  247 CYS A N   1 
ATOM   168 C  CA  . CYS A 1 19 ? 3.433   5.565   7.573   1.00 14.88  ?  247 CYS A CA  1 
ATOM   169 C  C   . CYS A 1 19 ? 4.061   4.574   8.544   1.00 16.54  ?  247 CYS A C   1 
ATOM   170 O  O   . CYS A 1 19 ? 4.117   4.862   9.748   1.00 15.30  ?  247 CYS A O   1 
ATOM   171 C  CB  . CYS A 1 19 ? 1.966   5.780   7.959   1.00 15.61  ?  247 CYS A CB  1 
ATOM   172 S  SG  . CYS A 1 19 ? 1.028   4.212   8.126   1.00 16.30  ?  247 CYS A SG  1 
ATOM   173 N  N   . GLY A 1 20 ? 4.549   3.437   8.062   1.00 14.39  ?  248 GLY A N   1 
ATOM   174 C  CA  . GLY A 1 20 ? 5.299   2.527   8.891   1.00 15.96  ?  248 GLY A CA  1 
ATOM   175 C  C   . GLY A 1 20 ? 4.496   1.522   9.694   1.00 15.89  ?  248 GLY A C   1 
ATOM   176 O  O   . GLY A 1 20 ? 5.100   0.639   10.311  1.00 17.29  ?  248 GLY A O   1 
ATOM   177 N  N   . SER A 1 21 ? 3.172   1.616   9.725   1.00 15.08  ?  249 SER A N   1 
ATOM   178 C  CA  . SER A 1 21 ? 2.413   0.645   10.506  1.00 15.14  ?  249 SER A CA  1 
ATOM   179 C  C   . SER A 1 21 ? 1.946   -0.527  9.639   1.00 14.29  ?  249 SER A C   1 
ATOM   180 O  O   . SER A 1 21 ? 2.006   -0.490  8.411   1.00 15.12  ?  249 SER A O   1 
ATOM   181 C  CB  . SER A 1 21 ? 1.249   1.304   11.240  1.00 17.58  ?  249 SER A CB  1 
ATOM   182 O  OG  . SER A 1 21 ? 0.263   1.762   10.353  1.00 20.66  ?  249 SER A OG  1 
ATOM   183 N  N   . LEU A 1 22 ? 1.474   -1.578  10.302  1.00 14.77  ?  250 LEU A N   1 
ATOM   184 C  CA  . LEU A 1 22 ? 1.068   -2.790  9.613   1.00 13.19  ?  250 LEU A CA  1 
ATOM   185 C  C   . LEU A 1 22 ? -0.186  -2.568  8.783   1.00 14.83  ?  250 LEU A C   1 
ATOM   186 O  O   . LEU A 1 22 ? -1.085  -1.821  9.157   1.00 16.37  ?  250 LEU A O   1 
ATOM   187 C  CB  . LEU A 1 22 ? 0.797   -3.884  10.643  1.00 14.54  ?  250 LEU A CB  1 
ATOM   188 C  CG  . LEU A 1 22 ? 0.724   -5.307  10.089  1.00 17.63  ?  250 LEU A CG  1 
ATOM   189 C  CD1 . LEU A 1 22 ? 2.095   -5.770  9.664   1.00 19.51  ?  250 LEU A CD1 1 
ATOM   190 C  CD2 . LEU A 1 22 ? 0.163   -6.261  11.134  1.00 19.45  ?  250 LEU A CD2 1 
ATOM   191 N  N   . LEU A 1 23 ? -0.254  -3.264  7.652   1.00 15.19  ?  251 LEU A N   1 
ATOM   192 C  CA  . LEU A 1 23 ? -1.505  -3.377  6.907   1.00 15.25  ?  251 LEU A CA  1 
ATOM   193 C  C   . LEU A 1 23 ? -2.319  -4.494  7.558   1.00 15.23  ?  251 LEU A C   1 
ATOM   194 O  O   . LEU A 1 23 ? -2.055  -5.679  7.350   1.00 16.07  ?  251 LEU A O   1 
ATOM   195 C  CB  . LEU A 1 23 ? -1.232  -3.688  5.439   1.00 15.31  ?  251 LEU A CB  1 
ATOM   196 C  CG  . LEU A 1 23 ? -0.367  -2.699  4.658   1.00 15.39  ?  251 LEU A CG  1 
ATOM   197 C  CD1 . LEU A 1 23 ? -0.333  -3.125  3.211   1.00 16.54  ?  251 LEU A CD1 1 
ATOM   198 C  CD2 . LEU A 1 23 ? -0.915  -1.284  4.780   1.00 17.05  ?  251 LEU A CD2 1 
ATOM   199 N  N   . TRP A 1 24 ? -3.342  -4.128  8.324   1.00 16.18  ?  252 TRP A N   1 
ATOM   200 C  CA  . TRP A 1 24 ? -4.124  -5.093  9.088   1.00 16.20  ?  252 TRP A CA  1 
ATOM   201 C  C   . TRP A 1 24 ? -5.272  -5.656  8.265   1.00 17.21  ?  252 TRP A C   1 
ATOM   202 O  O   . TRP A 1 24 ? -5.836  -4.992  7.392   1.00 18.84  ?  252 TRP A O   1 
ATOM   203 C  CB  . TRP A 1 24 ? -4.732  -4.418  10.317  1.00 17.64  ?  252 TRP A CB  1 
ATOM   204 C  CG  . TRP A 1 24 ? -3.751  -4.058  11.365  1.00 19.65  ?  252 TRP A CG  1 
ATOM   205 C  CD1 . TRP A 1 24 ? -3.205  -2.824  11.579  1.00 20.69  ?  252 TRP A CD1 1 
ATOM   206 C  CD2 . TRP A 1 24 ? -3.205  -4.921  12.367  1.00 22.34  ?  252 TRP A CD2 1 
ATOM   207 N  NE1 . TRP A 1 24 ? -2.347  -2.869  12.648  1.00 20.77  ?  252 TRP A NE1 1 
ATOM   208 C  CE2 . TRP A 1 24 ? -2.331  -4.144  13.152  1.00 21.28  ?  252 TRP A CE2 1 
ATOM   209 C  CE3 . TRP A 1 24 ? -3.370  -6.275  12.678  1.00 23.65  ?  252 TRP A CE3 1 
ATOM   210 C  CZ2 . TRP A 1 24 ? -1.616  -4.677  14.223  1.00 23.98  ?  252 TRP A CZ2 1 
ATOM   211 C  CZ3 . TRP A 1 24 ? -2.658  -6.803  13.743  1.00 24.22  ?  252 TRP A CZ3 1 
ATOM   212 C  CH2 . TRP A 1 24 ? -1.797  -6.005  14.504  1.00 26.04  ?  252 TRP A CH2 1 
ATOM   213 N  N   . GLY A 1 25 ? -5.657  -6.880  8.594   1.00 17.43  ?  253 GLY A N   1 
ATOM   214 C  CA  . GLY A 1 25 ? -6.852  -7.481  8.041   1.00 18.75  ?  253 GLY A CA  1 
ATOM   215 C  C   . GLY A 1 25 ? -6.558  -8.757  7.277   1.00 16.86  ?  253 GLY A C   1 
ATOM   216 O  O   . GLY A 1 25 ? -5.414  -9.153  7.076   1.00 16.67  ?  253 GLY A O   1 
ATOM   217 N  N   . LEU A 1 26 ? -7.653  -9.404  6.866   1.00 19.14  ?  254 LEU A N   1 
ATOM   218 C  CA  A LEU A 1 26 ? -7.570  -10.677 6.165   0.60 17.38  ?  254 LEU A CA  1 
ATOM   219 C  CA  B LEU A 1 26 ? -7.596  -10.678 6.162   0.40 19.79  ?  254 LEU A CA  1 
ATOM   220 C  C   . LEU A 1 26 ? -7.467  -10.505 4.658   1.00 18.85  ?  254 LEU A C   1 
ATOM   221 O  O   . LEU A 1 26 ? -6.812  -11.322 4.000   1.00 18.38  ?  254 LEU A O   1 
ATOM   222 C  CB  A LEU A 1 26 ? -8.780  -11.562 6.496   0.60 21.11  ?  254 LEU A CB  1 
ATOM   223 C  CB  B LEU A 1 26 ? -8.869  -11.481 6.453   0.40 20.39  ?  254 LEU A CB  1 
ATOM   224 C  CG  A LEU A 1 26 ? -8.951  -12.220 7.876   0.60 22.78  ?  254 LEU A CG  1 
ATOM   225 C  CG  B LEU A 1 26 ? -9.184  -11.753 7.924   0.40 19.09  ?  254 LEU A CG  1 
ATOM   226 C  CD1 A LEU A 1 26 ? -8.909  -11.222 9.026   0.60 21.67  ?  254 LEU A CD1 1 
ATOM   227 C  CD1 B LEU A 1 26 ? -10.499 -12.499 8.059   0.40 28.54  ?  254 LEU A CD1 1 
ATOM   228 C  CD2 A LEU A 1 26 ? -10.252 -13.018 7.907   0.60 28.26  ?  254 LEU A CD2 1 
ATOM   229 C  CD2 B LEU A 1 26 ? -8.057  -12.552 8.537   0.40 23.35  ?  254 LEU A CD2 1 
ATOM   230 N  N   . VAL A 1 27 ? -8.095  -9.461  4.109   1.00 19.07  ?  255 VAL A N   1 
ATOM   231 C  CA  . VAL A 1 27 ? -8.131  -9.207  2.674   1.00 16.95  ?  255 VAL A CA  1 
ATOM   232 C  C   . VAL A 1 27 ? -8.135  -7.699  2.467   1.00 17.96  ?  255 VAL A C   1 
ATOM   233 O  O   . VAL A 1 27 ? -8.453  -6.929  3.381   1.00 17.28  ?  255 VAL A O   1 
ATOM   234 C  CB  . VAL A 1 27 ? -9.406  -9.796  2.016   1.00 21.33  ?  255 VAL A CB  1 
ATOM   235 C  CG1 . VAL A 1 27 ? -9.440  -11.331 2.109   1.00 19.73  ?  255 VAL A CG1 1 
ATOM   236 C  CG2 . VAL A 1 27 ? -10.670 -9.161  2.601   1.00 20.93  ?  255 VAL A CG2 1 
ATOM   237 N  N   . LYS A 1 28 ? -7.796  -7.284  1.240   1.00 16.87  ?  256 LYS A N   1 
ATOM   238 C  CA  . LYS A 1 28 ? -7.945  -5.901  0.800   1.00 15.75  ?  256 LYS A CA  1 
ATOM   239 C  C   . LYS A 1 28 ? -7.336  -4.926  1.817   1.00 14.58  ?  256 LYS A C   1 
ATOM   240 O  O   . LYS A 1 28 ? -7.903  -3.874  2.140   1.00 16.45  ?  256 LYS A O   1 
ATOM   241 C  CB  . LYS A 1 28 ? -9.423  -5.592  0.556   1.00 18.12  ?  256 LYS A CB  1 
ATOM   242 C  CG  . LYS A 1 28 ? -9.978  -6.350  -0.641  1.00 19.46  ?  256 LYS A CG  1 
ATOM   243 C  CD  . LYS A 1 28 ? -11.478 -6.152  -0.925  1.00 28.10  ?  256 LYS A CD  1 
ATOM   244 C  CE  . LYS A 1 28 ? -11.824 -4.746  -1.459  1.00 58.78  ?  256 LYS A CE  1 
ATOM   245 N  NZ  . LYS A 1 28 ? -11.263 -4.518  -2.828  1.00 83.64  ?  256 LYS A NZ  1 
ATOM   246 N  N   . GLN A 1 29 ? -6.162  -5.270  2.333   1.00 14.23  ?  257 GLN A N   1 
ATOM   247 C  CA  . GLN A 1 29 ? -5.631  -4.537  3.479   1.00 14.28  ?  257 GLN A CA  1 
ATOM   248 C  C   . GLN A 1 29 ? -4.984  -3.224  3.094   1.00 14.71  ?  257 GLN A C   1 
ATOM   249 O  O   . GLN A 1 29 ? -4.691  -2.408  3.975   1.00 15.20  ?  257 GLN A O   1 
ATOM   250 C  CB  . GLN A 1 29 ? -4.619  -5.387  4.240   1.00 16.03  ?  257 GLN A CB  1 
ATOM   251 C  CG  . GLN A 1 29 ? -5.161  -6.736  4.686   1.00 15.04  ?  257 GLN A CG  1 
ATOM   252 C  CD  . GLN A 1 29 ? -4.796  -7.862  3.725   1.00 14.33  ?  257 GLN A CD  1 
ATOM   253 O  OE1 . GLN A 1 29 ? -4.642  -7.638  2.527   1.00 15.38  ?  257 GLN A OE1 1 
ATOM   254 N  NE2 . GLN A 1 29 ? -4.641  -9.069  4.251   1.00 16.25  ?  257 GLN A NE2 1 
ATOM   255 N  N   . GLY A 1 30 ? -4.720  -3.015  1.816   1.00 14.56  ?  258 GLY A N   1 
ATOM   256 C  CA  . GLY A 1 30 ? -4.057  -1.810  1.379   1.00 14.41  ?  258 GLY A CA  1 
ATOM   257 C  C   . GLY A 1 30 ? -3.974  -1.805  -0.129  1.00 14.13  ?  258 GLY A C   1 
ATOM   258 O  O   . GLY A 1 30 ? -4.664  -2.576  -0.804  1.00 14.62  ?  258 GLY A O   1 
ATOM   259 N  N   . LEU A 1 31 ? -3.092  -0.959  -0.648  1.00 13.39  ?  259 LEU A N   1 
ATOM   260 C  CA  . LEU A 1 31 ? -2.905  -0.761  -2.078  1.00 12.65  ?  259 LEU A CA  1 
ATOM   261 C  C   . LEU A 1 31 ? -1.463  -1.045  -2.447  1.00 12.84  ?  259 LEU A C   1 
ATOM   262 O  O   . LEU A 1 31 ? -0.546  -0.683  -1.708  1.00 13.74  ?  259 LEU A O   1 
ATOM   263 C  CB  . LEU A 1 31 ? -3.220  0.678   -2.479  1.00 15.05  ?  259 LEU A CB  1 
ATOM   264 C  CG  . LEU A 1 31 ? -4.490  1.256   -1.863  1.00 17.85  ?  259 LEU A CG  1 
ATOM   265 C  CD1 . LEU A 1 31 ? -4.582  2.729   -2.132  1.00 20.36  ?  259 LEU A CD1 1 
ATOM   266 C  CD2 . LEU A 1 31 ? -5.691  0.551   -2.416  1.00 26.72  ?  259 LEU A CD2 1 
ATOM   267 N  N   . LYS A 1 32 ? -1.270  -1.667  -3.607  1.00 12.56  ?  260 LYS A N   1 
ATOM   268 C  CA  . LYS A 1 32 ? 0.060   -1.901  -4.141  1.00 12.05  ?  260 LYS A CA  1 
ATOM   269 C  C   . LYS A 1 32 ? 0.207   -1.122  -5.438  1.00 12.98  ?  260 LYS A C   1 
ATOM   270 O  O   . LYS A 1 32 ? -0.702  -1.115  -6.272  1.00 14.51  ?  260 LYS A O   1 
ATOM   271 C  CB  . LYS A 1 32 ? 0.248   -3.392  -4.397  1.00 14.63  ?  260 LYS A CB  1 
ATOM   272 C  CG  . LYS A 1 32 ? 1.596   -3.738  -4.962  1.00 15.07  ?  260 LYS A CG  1 
ATOM   273 C  CD  . LYS A 1 32 ? 1.765   -5.252  -5.172  1.00 16.96  ?  260 LYS A CD  1 
ATOM   274 C  CE  . LYS A 1 32 ? 2.046   -5.985  -3.870  1.00 16.82  ?  260 LYS A CE  1 
ATOM   275 N  NZ  . LYS A 1 32 ? 3.368   -5.625  -3.292  1.00 20.09  ?  260 LYS A NZ  1 
ATOM   276 N  N   . CYS A 1 33 ? 1.358   -0.488  -5.629  1.00 12.69  ?  261 CYS A N   1 
ATOM   277 C  CA  . CYS A 1 33 ? 1.606   0.213   -6.876  1.00 12.32  ?  261 CYS A CA  1 
ATOM   278 C  C   . CYS A 1 33 ? 1.965   -0.796  -7.958  1.00 13.67  ?  261 CYS A C   1 
ATOM   279 O  O   . CYS A 1 33 ? 2.886   -1.600  -7.793  1.00 15.66  ?  261 CYS A O   1 
ATOM   280 C  CB  . CYS A 1 33 ? 2.725   1.250   -6.735  1.00 13.55  ?  261 CYS A CB  1 
ATOM   281 S  SG  . CYS A 1 33 ? 3.105   2.089   -8.289  1.00 14.66  ?  261 CYS A SG  1 
ATOM   282 N  N   . GLU A 1 34 ? 1.238   -0.723  -9.073  1.00 14.35  ?  262 GLU A N   1 
ATOM   283 C  CA  . GLU A 1 34 ? 1.478   -1.597  -10.215 1.00 14.67  ?  262 GLU A CA  1 
ATOM   284 C  C   . GLU A 1 34 ? 2.913   -1.511  -10.712 1.00 17.33  ?  262 GLU A C   1 
ATOM   285 O  O   . GLU A 1 34 ? 3.446   -2.509  -11.213 1.00 18.96  ?  262 GLU A O   1 
ATOM   286 C  CB  . GLU A 1 34 ? 0.510   -1.228  -11.345 1.00 15.99  ?  262 GLU A CB  1 
ATOM   287 C  CG  . GLU A 1 34 ? 0.519   -2.156  -12.563 1.00 18.75  ?  262 GLU A CG  1 
ATOM   288 C  CD  . GLU A 1 34 ? 0.124   -3.576  -12.208 1.00 32.63  ?  262 GLU A CD  1 
ATOM   289 O  OE1 . GLU A 1 34 ? 0.895   -4.508  -12.525 1.00 42.35  ?  262 GLU A OE1 1 
ATOM   290 O  OE2 . GLU A 1 34 ? -0.918  -3.757  -11.551 1.00 23.82  ?  262 GLU A OE2 1 
ATOM   291 N  N   . ASP A 1 35 ? 3.557   -0.352  -10.581 1.00 16.92  ?  263 ASP A N   1 
ATOM   292 C  CA  . ASP A 1 35 ? 4.826   -0.081  -11.247 1.00 18.56  ?  263 ASP A CA  1 
ATOM   293 C  C   . ASP A 1 35 ? 6.045   -0.223  -10.351 1.00 21.21  ?  263 ASP A C   1 
ATOM   294 O  O   . ASP A 1 35 ? 7.092   -0.674  -10.822 1.00 24.05  ?  263 ASP A O   1 
ATOM   295 C  CB  . ASP A 1 35 ? 4.807   1.322   -11.850 1.00 18.23  ?  263 ASP A CB  1 
ATOM   296 C  CG  . ASP A 1 35 ? 3.669   1.514   -12.816 1.00 18.86  ?  263 ASP A CG  1 
ATOM   297 O  OD1 . ASP A 1 35 ? 3.530   0.667   -13.723 1.00 22.69  ?  263 ASP A OD1 1 
ATOM   298 O  OD2 . ASP A 1 35 ? 2.924   2.504   -12.677 1.00 20.53  ?  263 ASP A OD2 1 
ATOM   299 N  N   . CYS A 1 36 ? 5.954   0.173   -9.082  1.00 17.98  ?  264 CYS A N   1 
ATOM   300 C  CA  . CYS A 1 36 ? 7.084   0.066   -8.171  1.00 19.19  ?  264 CYS A CA  1 
ATOM   301 C  C   . CYS A 1 36 ? 6.853   -0.895  -7.015  1.00 19.59  ?  264 CYS A C   1 
ATOM   302 O  O   . CYS A 1 36 ? 7.813   -1.208  -6.299  1.00 23.79  ?  264 CYS A O   1 
ATOM   303 C  CB  . CYS A 1 36 ? 7.486   1.442   -7.614  1.00 23.64  ?  264 CYS A CB  1 
ATOM   304 S  SG  . CYS A 1 36 ? 6.327   2.162   -6.417  1.00 18.93  ?  264 CYS A SG  1 
ATOM   305 N  N   . GLY A 1 37 ? 5.636   -1.390  -6.822  1.00 19.90  ?  265 GLY A N   1 
ATOM   306 C  CA  . GLY A 1 37 ? 5.371   -2.330  -5.761  1.00 19.89  ?  265 GLY A CA  1 
ATOM   307 C  C   . GLY A 1 37 ? 5.218   -1.733  -4.380  1.00 18.95  ?  265 GLY A C   1 
ATOM   308 O  O   . GLY A 1 37 ? 5.058   -2.504  -3.421  1.00 19.05  ?  265 GLY A O   1 
ATOM   309 N  N   . MET A 1 38 ? 5.272   -0.406  -4.240  1.00 18.12  ?  266 MET A N   1 
ATOM   310 C  CA  . MET A 1 38 ? 4.998   0.241   -2.958  1.00 17.03  ?  266 MET A CA  1 
ATOM   311 C  C   . MET A 1 38 ? 3.673   -0.251  -2.396  1.00 15.34  ?  266 MET A C   1 
ATOM   312 O  O   . MET A 1 38 ? 2.697   -0.385  -3.132  1.00 15.22  ?  266 MET A O   1 
ATOM   313 C  CB  . MET A 1 38 ? 4.858   1.751   -3.147  1.00 17.58  ?  266 MET A CB  1 
ATOM   314 C  CG  . MET A 1 38 ? 5.056   2.517   -1.878  1.00 19.31  ?  266 MET A CG  1 
ATOM   315 S  SD  . MET A 1 38 ? 5.047   4.282   -2.106  1.00 21.87  ?  266 MET A SD  1 
ATOM   316 C  CE  . MET A 1 38 ? 5.552   4.700   -0.437  1.00 28.03  ?  266 MET A CE  1 
ATOM   317 N  N   . ASN A 1 39 ? 3.627   -0.478  -1.083  1.00 13.94  ?  267 ASN A N   1 
ATOM   318 C  CA  . ASN A 1 39 ? 2.404   -0.866  -0.386  1.00 14.09  ?  267 ASN A CA  1 
ATOM   319 C  C   . ASN A 1 39 ? 2.006   0.241   0.571   1.00 13.83  ?  267 ASN A C   1 
ATOM   320 O  O   . ASN A 1 39 ? 2.838   0.710   1.350   1.00 15.13  ?  267 ASN A O   1 
ATOM   321 C  CB  . ASN A 1 39 ? 2.602   -2.156  0.408   1.00 14.84  ?  267 ASN A CB  1 
ATOM   322 C  CG  . ASN A 1 39 ? 3.167   -3.250  -0.425  1.00 14.68  ?  267 ASN A CG  1 
ATOM   323 O  OD1 . ASN A 1 39 ? 2.543   -3.673  -1.394  1.00 15.45  ?  267 ASN A OD1 1 
ATOM   324 N  ND2 . ASN A 1 39 ? 4.347   -3.731  -0.057  1.00 17.11  ?  267 ASN A ND2 1 
ATOM   325 N  N   . VAL A 1 40 ? 0.736   0.644   0.528   1.00 13.35  ?  268 VAL A N   1 
ATOM   326 C  CA  . VAL A 1 40 ? 0.256   1.714   1.399   1.00 13.51  ?  268 VAL A CA  1 
ATOM   327 C  C   . VAL A 1 40 ? -1.153  1.412   1.892   1.00 14.07  ?  268 VAL A C   1 
ATOM   328 O  O   . VAL A 1 40 ? -1.927  0.695   1.255   1.00 14.23  ?  268 VAL A O   1 
ATOM   329 C  CB  . VAL A 1 40 ? 0.254   3.095   0.714   1.00 13.74  ?  268 VAL A CB  1 
ATOM   330 C  CG1 . VAL A 1 40 ? 1.634   3.447   0.234   1.00 16.17  ?  268 VAL A CG1 1 
ATOM   331 C  CG2 . VAL A 1 40 ? -0.758  3.114   -0.439  1.00 14.91  ?  268 VAL A CG2 1 
ATOM   332 N  N   . HIS A 1 41 ? -1.506  2.013   3.024   1.00 13.93  ?  269 HIS A N   1 
ATOM   333 C  CA  . HIS A 1 41 ? -2.893  1.986   3.458   1.00 13.21  ?  269 HIS A CA  1 
ATOM   334 C  C   . HIS A 1 41 ? -3.767  2.737   2.470   1.00 14.45  ?  269 HIS A C   1 
ATOM   335 O  O   . HIS A 1 41 ? -3.313  3.647   1.768   1.00 14.52  ?  269 HIS A O   1 
ATOM   336 C  CB  . HIS A 1 41 ? -3.054  2.701   4.795   1.00 14.31  ?  269 HIS A CB  1 
ATOM   337 C  CG  . HIS A 1 41 ? -2.470  1.959   5.947   1.00 14.05  ?  269 HIS A CG  1 
ATOM   338 N  ND1 . HIS A 1 41 ? -1.292  2.345   6.553   1.00 15.80  ?  269 HIS A ND1 1 
ATOM   339 C  CD2 . HIS A 1 41 ? -2.903  0.862   6.613   1.00 15.41  ?  269 HIS A CD2 1 
ATOM   340 C  CE1 . HIS A 1 41 ? -1.030  1.517   7.549   1.00 15.25  ?  269 HIS A CE1 1 
ATOM   341 N  NE2 . HIS A 1 41 ? -1.985  0.601   7.597   1.00 16.90  ?  269 HIS A NE2 1 
ATOM   342 N  N   . HIS A 1 42 ? -5.057  2.393   2.474   1.00 15.15  ?  270 HIS A N   1 
ATOM   343 C  CA  . HIS A 1 42 ? -6.018  3.131   1.660   1.00 15.77  ?  270 HIS A CA  1 
ATOM   344 C  C   . HIS A 1 42 ? -5.949  4.627   1.933   1.00 16.69  ?  270 HIS A C   1 
ATOM   345 O  O   . HIS A 1 42 ? -5.906  5.429   0.997   1.00 17.89  ?  270 HIS A O   1 
ATOM   346 C  CB  . HIS A 1 42 ? -7.438  2.620   1.870   1.00 17.30  ?  270 HIS A CB  1 
ATOM   347 C  CG  . HIS A 1 42 ? -7.625  1.192   1.468   1.00 19.85  ?  270 HIS A CG  1 
ATOM   348 N  ND1 . HIS A 1 42 ? -8.229  0.832   0.283   1.00 33.43  ?  270 HIS A ND1 1 
ATOM   349 C  CD2 . HIS A 1 42 ? -7.319  0.036   2.102   1.00 27.42  ?  270 HIS A CD2 1 
ATOM   350 C  CE1 . HIS A 1 42 ? -8.270  -0.486  0.196   1.00 28.62  ?  270 HIS A CE1 1 
ATOM   351 N  NE2 . HIS A 1 42 ? -7.726  -0.992  1.287   1.00 22.45  ?  270 HIS A NE2 1 
ATOM   352 N  N   . LYS A 1 43 ? -5.923  5.018   3.212   1.00 15.00  ?  271 LYS A N   1 
ATOM   353 C  CA  . LYS A 1 43 ? -5.882  6.436   3.557   1.00 17.75  ?  271 LYS A CA  1 
ATOM   354 C  C   . LYS A 1 43 ? -4.519  7.062   3.309   1.00 18.78  ?  271 LYS A C   1 
ATOM   355 O  O   . LYS A 1 43 ? -4.423  8.289   3.197   1.00 23.18  ?  271 LYS A O   1 
ATOM   356 C  CB  . LYS A 1 43 ? -6.283  6.643   5.021   1.00 23.50  ?  271 LYS A CB  1 
ATOM   357 C  CG  . LYS A 1 43 ? -7.707  6.245   5.367   1.00 37.89  ?  271 LYS A CG  1 
ATOM   358 C  CD  . LYS A 1 43 ? -8.713  7.084   4.603   1.00 75.40  ?  271 LYS A CD  1 
ATOM   359 C  CE  . LYS A 1 43 ? -8.674  8.531   5.079   1.00 61.51  ?  271 LYS A CE  1 
ATOM   360 N  NZ  . LYS A 1 43 ? -9.103  8.667   6.500   1.00 51.30  ?  271 LYS A NZ  1 
ATOM   361 N  N   . CYS A 1 44 ? -3.462  6.266   3.245   1.00 15.47  ?  272 CYS A N   1 
ATOM   362 C  CA  . CYS A 1 44 ? -2.140  6.812   2.991   1.00 15.98  ?  272 CYS A CA  1 
ATOM   363 C  C   . CYS A 1 44 ? -1.876  7.085   1.523   1.00 16.42  ?  272 CYS A C   1 
ATOM   364 O  O   . CYS A 1 44 ? -0.919  7.804   1.199   1.00 16.76  ?  272 CYS A O   1 
ATOM   365 C  CB  . CYS A 1 44 ? -1.063  5.903   3.575   1.00 16.70  ?  272 CYS A CB  1 
ATOM   366 S  SG  . CYS A 1 44 ? -1.120  5.845   5.383   1.00 15.87  ?  272 CYS A SG  1 
ATOM   367 N  N   . ARG A 1 45 ? -2.711  6.561   0.627   1.00 16.42  ?  273 ARG A N   1 
ATOM   368 C  CA  . ARG A 1 45 ? -2.460  6.747   -0.796  1.00 18.77  ?  273 ARG A CA  1 
ATOM   369 C  C   . ARG A 1 45 ? -2.359  8.220   -1.168  1.00 19.65  ?  273 ARG A C   1 
ATOM   370 O  O   . ARG A 1 45 ? -1.473  8.608   -1.931  1.00 19.95  ?  273 ARG A O   1 
ATOM   371 C  CB  . ARG A 1 45 ? -3.550  6.079   -1.620  1.00 18.83  ?  273 ARG A CB  1 
ATOM   372 C  CG  . ARG A 1 45 ? -3.127  5.805   -3.038  1.00 23.47  ?  273 ARG A CG  1 
ATOM   373 C  CD  . ARG A 1 45 ? -3.699  6.802   -4.017  1.00 41.96  ?  273 ARG A CD  1 
ATOM   374 N  NE  . ARG A 1 45 ? -5.156  6.790   -4.048  1.00 37.17  ?  273 ARG A NE  1 
ATOM   375 C  CZ  . ARG A 1 45 ? -5.887  7.792   -4.525  1.00 71.93  ?  273 ARG A CZ  1 
ATOM   376 N  NH1 . ARG A 1 45 ? -5.290  8.874   -5.007  1.00 61.71  ?  273 ARG A NH1 1 
ATOM   377 N  NH2 . ARG A 1 45 ? -7.210  7.712   -4.523  1.00 81.10  ?  273 ARG A NH2 1 
ATOM   378 N  N   . GLU A 1 46 ? -3.257  9.059   -0.645  1.00 19.68  ?  274 GLU A N   1 
ATOM   379 C  CA  . GLU A 1 46 ? -3.225  10.461  -1.049  1.00 21.31  ?  274 GLU A CA  1 
ATOM   380 C  C   . GLU A 1 46 ? -2.045  11.216  -0.455  1.00 18.56  ?  274 GLU A C   1 
ATOM   381 O  O   . GLU A 1 46 ? -1.748  12.330  -0.912  1.00 20.70  ?  274 GLU A O   1 
ATOM   382 C  CB  . GLU A 1 46 ? -4.509  11.181  -0.645  1.00 29.04  ?  274 GLU A CB  1 
ATOM   383 C  CG  . GLU A 1 46 ? -4.741  11.214  0.849   1.00 24.53  ?  274 GLU A CG  1 
ATOM   384 C  CD  . GLU A 1 46 ? -6.124  11.715  1.209   1.00 50.50  ?  274 GLU A CD  1 
ATOM   385 O  OE1 . GLU A 1 46 ? -6.530  11.558  2.380   1.00 59.72  ?  274 GLU A OE1 1 
ATOM   386 O  OE2 . GLU A 1 46 ? -6.800  12.273  0.321   1.00 49.99  ?  274 GLU A OE2 1 
ATOM   387 N  N   . LYS A 1 47 ? -1.365  10.632  0.532   1.00 17.55  ?  275 LYS A N   1 
ATOM   388 C  CA  A LYS A 1 47 ? -0.280  11.287  1.250   0.62 17.66  ?  275 LYS A CA  1 
ATOM   389 C  CA  B LYS A 1 47 ? -0.284  11.303  1.238   0.38 17.34  ?  275 LYS A CA  1 
ATOM   390 C  C   . LYS A 1 47 ? 1.102   10.933  0.732   1.00 15.91  ?  275 LYS A C   1 
ATOM   391 O  O   . LYS A 1 47 ? 2.062   11.647  1.035   1.00 16.94  ?  275 LYS A O   1 
ATOM   392 C  CB  A LYS A 1 47 ? -0.334  10.919  2.737   0.62 18.32  ?  275 LYS A CB  1 
ATOM   393 C  CB  B LYS A 1 47 ? -0.375  10.994  2.737   0.38 24.75  ?  275 LYS A CB  1 
ATOM   394 C  CG  A LYS A 1 47 ? -1.707  11.102  3.362   0.62 28.25  ?  275 LYS A CG  1 
ATOM   395 C  CG  B LYS A 1 47 ? -1.713  11.401  3.338   0.38 33.95  ?  275 LYS A CG  1 
ATOM   396 C  CD  A LYS A 1 47 ? -2.105  12.573  3.355   0.62 38.28  ?  275 LYS A CD  1 
ATOM   397 C  CD  B LYS A 1 47 ? -1.899  10.881  4.749   0.38 38.39  ?  275 LYS A CD  1 
ATOM   398 C  CE  A LYS A 1 47 ? -1.631  13.302  4.604   0.62 50.52  ?  275 LYS A CE  1 
ATOM   399 C  CE  B LYS A 1 47 ? -3.235  11.338  5.309   0.38 45.00  ?  275 LYS A CE  1 
ATOM   400 N  NZ  A LYS A 1 47 ? -2.436  14.530  4.868   0.62 40.37  ?  275 LYS A NZ  1 
ATOM   401 N  NZ  B LYS A 1 47 ? -3.404  12.813  5.192   0.38 43.44  ?  275 LYS A NZ  1 
ATOM   402 N  N   . VAL A 1 48 ? 1.239   9.841   -0.017  1.00 18.52  ?  276 VAL A N   1 
ATOM   403 C  CA  A VAL A 1 48 ? 2.565   9.484   -0.498  0.64 20.11  ?  276 VAL A CA  1 
ATOM   404 C  CA  B VAL A 1 48 ? 2.544   9.453   -0.535  0.36 23.65  ?  276 VAL A CA  1 
ATOM   405 C  C   . VAL A 1 48 ? 3.059   10.510  -1.507  1.00 22.79  ?  276 VAL A C   1 
ATOM   406 O  O   . VAL A 1 48 ? 2.281   11.165  -2.208  1.00 23.20  ?  276 VAL A O   1 
ATOM   407 C  CB  A VAL A 1 48 ? 2.634   8.052   -1.059  0.64 27.60  ?  276 VAL A CB  1 
ATOM   408 C  CB  B VAL A 1 48 ? 2.442   8.102   -1.264  0.36 30.79  ?  276 VAL A CB  1 
ATOM   409 C  CG1 A VAL A 1 48 ? 1.999   7.114   -0.103  0.64 19.91  ?  276 VAL A CG1 1 
ATOM   410 C  CG1 B VAL A 1 48 ? 3.655   7.293   -0.998  0.36 23.34  ?  276 VAL A CG1 1 
ATOM   411 C  CG2 A VAL A 1 48 ? 1.934   7.959   -2.413  0.64 19.39  ?  276 VAL A CG2 1 
ATOM   412 C  CG2 B VAL A 1 48 ? 1.210   7.341   -0.847  0.36 37.59  ?  276 VAL A CG2 1 
ATOM   413 N  N   . ALA A 1 49 ? 4.382   10.672  -1.551  1.00 29.77  ?  277 ALA A N   1 
ATOM   414 C  CA  . ALA A 1 49 ? 4.988   11.455  -2.614  1.00 36.99  ?  277 ALA A CA  1 
ATOM   415 C  C   . ALA A 1 49 ? 4.753   10.700  -3.909  1.00 30.45  ?  277 ALA A C   1 
ATOM   416 O  O   . ALA A 1 49 ? 4.906   9.475   -3.957  1.00 38.37  ?  277 ALA A O   1 
ATOM   417 C  CB  . ALA A 1 49 ? 6.485   11.631  -2.369  1.00 45.09  ?  277 ALA A CB  1 
ATOM   418 N  N   . ASN A 1 50 ? 4.334   11.418  -4.943  1.00 34.87  ?  278 ASN A N   1 
ATOM   419 C  CA  . ASN A 1 50 ? 3.818   10.799  -6.159  1.00 49.98  ?  278 ASN A CA  1 
ATOM   420 C  C   . ASN A 1 50 ? 4.867   10.702  -7.257  1.00 26.65  ?  278 ASN A C   1 
ATOM   421 O  O   . ASN A 1 50 ? 4.549   10.857  -8.437  1.00 34.53  ?  278 ASN A O   1 
ATOM   422 C  CB  . ASN A 1 50 ? 2.578   11.544  -6.639  1.00 49.57  ?  278 ASN A CB  1 
ATOM   423 C  CG  . ASN A 1 50 ? 1.536   10.621  -7.234  1.00 45.11  ?  278 ASN A CG  1 
ATOM   424 O  OD1 . ASN A 1 50 ? 1.621   9.393   -7.113  1.00 27.26  ?  278 ASN A OD1 1 
ATOM   425 N  ND2 . ASN A 1 50 ? 0.528   11.210  -7.867  1.00 50.77  ?  278 ASN A ND2 1 
ATOM   426 N  N   . LEU A 1 51 ? 6.128   10.455  -6.910  1.00 30.41  ?  279 LEU A N   1 
ATOM   427 C  CA  . LEU A 1 51 ? 7.167   10.207  -7.906  1.00 32.37  ?  279 LEU A CA  1 
ATOM   428 C  C   . LEU A 1 51 ? 7.453   8.711   -7.910  1.00 29.58  ?  279 LEU A C   1 
ATOM   429 O  O   . LEU A 1 51 ? 8.189   8.202   -7.062  1.00 27.04  ?  279 LEU A O   1 
ATOM   430 C  CB  . LEU A 1 51 ? 8.427   11.020  -7.634  1.00 22.72  ?  279 LEU A CB  1 
ATOM   431 C  CG  . LEU A 1 51 ? 8.272   12.531  -7.777  1.00 24.63  ?  279 LEU A CG  1 
ATOM   432 C  CD1 . LEU A 1 51 ? 9.593   13.240  -7.512  1.00 22.89  ?  279 LEU A CD1 1 
ATOM   433 C  CD2 . LEU A 1 51 ? 7.728   12.874  -9.155  1.00 31.30  ?  279 LEU A CD2 1 
ATOM   434 N  N   . CYS A 1 52 ? 6.877   8.013   -8.876  1.00 22.97  ?  280 CYS A N   1 
ATOM   435 C  CA  . CYS A 1 52 ? 7.011   6.573   -8.942  1.00 19.79  ?  280 CYS A CA  1 
ATOM   436 C  C   . CYS A 1 52 ? 8.270   6.174   -9.696  1.00 29.81  ?  280 CYS A C   1 
ATOM   437 O  O   . CYS A 1 52 ? 8.439   6.530   -10.860 1.00 23.67  ?  280 CYS A O   1 
ATOM   438 C  CB  . CYS A 1 52 ? 5.778   5.974   -9.613  1.00 21.23  ?  280 CYS A CB  1 
ATOM   439 S  SG  . CYS A 1 52 ? 5.793   4.194   -9.698  1.00 18.81  ?  280 CYS A SG  1 
HETATM 440 ZN ZN  . ZN  B 2 .  ? 4.897   3.445   -7.718  1.00 16.99  ?  301 ZN  A ZN  1 
HETATM 441 ZN ZN  . ZN  C 2 .  ? -0.041  3.952   6.117   1.00 15.42  ?  302 ZN  A ZN  1 
HETATM 442 C  C1  . XZJ D 3 .  ? -6.982  -14.806 2.996   1.00 23.46  ?  303 XZJ A C1  1 
HETATM 443 C  C10 . XZJ D 3 .  ? -1.468  -9.438  7.019   1.00 17.72  ?  303 XZJ A C10 1 
HETATM 444 C  C11 . XZJ D 3 .  ? -0.535  -11.574 7.211   1.00 18.44  ?  303 XZJ A C11 1 
HETATM 445 C  C12 . XZJ D 3 .  ? -0.952  -8.371  6.065   1.00 17.15  ?  303 XZJ A C12 1 
HETATM 446 C  C13 . XZJ D 3 .  ? -2.083  -8.805  8.255   1.00 17.89  ?  303 XZJ A C13 1 
HETATM 447 C  C14 . XZJ D 3 .  ? -3.407  -9.588  10.047  1.00 19.45  ?  303 XZJ A C14 1 
HETATM 448 C  C15 . XZJ D 3 .  ? -3.910  -10.795 10.806  1.00 20.76  ?  303 XZJ A C15 1 
HETATM 449 C  C16 . XZJ D 3 .  ? -3.987  -10.417 12.282  1.00 20.94  ?  303 XZJ A C16 1 
HETATM 450 C  C17 . XZJ D 3 .  ? -2.985  -11.993 10.616  1.00 21.19  ?  303 XZJ A C17 1 
HETATM 451 C  C18 . XZJ D 3 .  ? -5.302  -11.141 10.292  1.00 21.19  ?  303 XZJ A C18 1 
HETATM 452 C  C19 . XZJ D 3 .  ? -4.740  -14.228 7.496   1.00 21.81  ?  303 XZJ A C19 1 
HETATM 453 C  C2  . XZJ D 3 .  ? -5.630  -14.631 3.668   1.00 22.94  ?  303 XZJ A C2  1 
HETATM 454 C  C20 . XZJ D 3 .  ? -5.531  -15.380 8.136   1.00 22.55  ?  303 XZJ A C20 1 
HETATM 455 C  C21 . XZJ D 3 .  ? -5.686  -15.150 9.631   1.00 23.02  ?  303 XZJ A C21 1 
HETATM 456 C  C22 . XZJ D 3 .  ? -4.871  -16.727 7.873   1.00 22.89  ?  303 XZJ A C22 1 
HETATM 457 C  C3  . XZJ D 3 .  ? -4.713  -15.796 3.333   1.00 23.02  ?  303 XZJ A C3  1 
HETATM 458 C  C4  . XZJ D 3 .  ? -5.785  -14.456 5.182   1.00 22.07  ?  303 XZJ A C4  1 
HETATM 459 C  C5  . XZJ D 3 .  ? -4.475  -14.328 5.981   1.00 21.50  ?  303 XZJ A C5  1 
HETATM 460 C  C6  . XZJ D 3 .  ? -3.677  -13.109 5.495   1.00 20.63  ?  303 XZJ A C6  1 
HETATM 461 C  C7  . XZJ D 3 .  ? -2.344  -12.939 6.182   1.00 19.50  ?  303 XZJ A C7  1 
HETATM 462 C  C8  . XZJ D 3 .  ? -1.821  -11.760 6.538   1.00 18.52  ?  303 XZJ A C8  1 
HETATM 463 C  C9  . XZJ D 3 .  ? -2.437  -10.409 6.337   1.00 18.05  ?  303 XZJ A C9  1 
HETATM 464 O  O1  . XZJ D 3 .  ? -0.334  -10.259 7.469   1.00 17.82  ?  303 XZJ A O1  1 
HETATM 465 O  O2  . XZJ D 3 .  ? 0.278   -12.393 7.536   1.00 18.86  ?  303 XZJ A O2  1 
HETATM 466 O  O3  . XZJ D 3 .  ? -0.101  -7.431  6.695   1.00 17.21  ?  303 XZJ A O3  1 
HETATM 467 O  O4  . XZJ D 3 .  ? -2.495  -9.892  9.100   1.00 18.28  ?  303 XZJ A O4  1 
HETATM 468 O  O5  . XZJ D 3 .  ? -3.800  -8.473  10.237  1.00 19.40  ?  303 XZJ A O5  1 
HETATM 469 O  O1  . XP5 E 4 .  ? -11.320 -6.318  6.740   1.00 97.78  ?  304 XP5 A O1  1 
HETATM 470 O  O2  . XP5 E 4 .  ? -10.165 -8.482  6.685   1.00 39.81  -1 304 XP5 A O2  1 
HETATM 471 P  P1  . XP5 E 4 .  ? -11.421 -7.774  7.132   1.00 169.09 ?  304 XP5 A P1  1 
HETATM 472 O  O3  . XP5 E 4 .  ? -11.538 -7.891  8.773   1.00 103.61 ?  304 XP5 A O3  1 
HETATM 473 C  C1  . XP5 E 4 .  ? -10.885 -6.937  9.566   1.00 65.06  ?  304 XP5 A C1  1 
HETATM 474 C  C2  . XP5 E 4 .  ? -9.778  -7.638  10.358  1.00 72.29  ?  304 XP5 A C2  1 
HETATM 475 N  N1  . XP5 E 4 .  ? -9.154  -6.764  11.343  1.00 76.83  ?  304 XP5 A N1  1 
HETATM 476 C  C3  . XP5 E 4 .  ? -10.096 -6.488  12.414  1.00 76.27  ?  304 XP5 A C3  1 
HETATM 477 C  C4  . XP5 E 4 .  ? -8.745  -5.510  10.729  1.00 58.80  ?  304 XP5 A C4  1 
HETATM 478 C  C5  . XP5 E 4 .  ? -7.984  -7.424  11.891  1.00 45.53  ?  304 XP5 A C5  1 
HETATM 479 O  O4  . XP5 E 4 .  ? -12.726 -8.466  6.388   1.00 97.66  ?  304 XP5 A O4  1 
HETATM 480 C  C6  . XP5 E 4 .  ? -12.787 -9.864  6.286   1.00 69.69  ?  304 XP5 A C6  1 
HETATM 481 C  C8  . XP5 E 4 .  ? -13.605 -11.818 4.979   1.00 70.98  ?  304 XP5 A C8  1 
HETATM 482 O  O5  . XP5 E 4 .  ? -13.474 -12.373 3.702   1.00 96.03  ?  304 XP5 A O5  1 
HETATM 483 C  C9  . XP5 E 4 .  ? -12.540 -13.413 3.624   1.00 76.09  ?  304 XP5 A C9  1 
HETATM 484 O  O6  . XP5 E 4 .  ? -11.590 -13.405 4.332   1.00 99.06  ?  304 XP5 A O6  1 
HETATM 485 C  C10 . XP5 E 4 .  ? -12.738 -14.556 2.631   1.00 55.92  ?  304 XP5 A C10 1 
HETATM 486 O  O7  . XP5 E 4 .  ? -14.135 -9.500  2.363   1.00 94.34  ?  304 XP5 A O7  1 
HETATM 487 C  C17 . XP5 E 4 .  ? -14.879 -9.798  3.237   1.00 81.20  ?  304 XP5 A C17 1 
HETATM 488 O  O8  . XP5 E 4 .  ? -14.495 -9.635  4.575   1.00 97.53  ?  304 XP5 A O8  1 
HETATM 489 C  C18 . XP5 E 4 .  ? -16.251 -10.374 2.894   1.00 67.61  ?  304 XP5 A C18 1 
HETATM 490 C  CAM . XP5 E 4 .  ? -13.319 -10.315 4.919   1.00 76.53  ?  304 XP5 A CAM 1 
HETATM 491 O  O   . HOH F 5 .  ? -11.676 -3.104  -4.555  1.00 36.84  ?  401 HOH A O   1 
HETATM 492 O  O   . HOH F 5 .  ? 5.655   1.080   12.512  1.00 60.58  ?  402 HOH A O   1 
HETATM 493 O  O   . HOH F 5 .  ? -1.315  -0.751  13.646  1.00 35.51  ?  403 HOH A O   1 
HETATM 494 O  O   . HOH F 5 .  ? 5.804   -10.472 4.637   1.00 29.74  ?  404 HOH A O   1 
HETATM 495 O  O   . HOH F 5 .  ? 7.771   9.283   -4.772  1.00 34.93  ?  405 HOH A O   1 
HETATM 496 O  O   . HOH F 5 .  ? 4.713   -14.926 6.527   1.00 26.69  ?  406 HOH A O   1 
HETATM 497 O  O   . HOH F 5 .  ? 6.189   8.974   -0.784  1.00 28.93  ?  407 HOH A O   1 
HETATM 498 O  O   . HOH F 5 .  ? -8.954  12.194  3.082   1.00 25.25  ?  408 HOH A O   1 
HETATM 499 O  O   . HOH F 5 .  ? 7.216   -2.187  -0.990  1.00 30.03  ?  409 HOH A O   1 
HETATM 500 O  O   . HOH F 5 .  ? -7.844  -4.511  -6.824  1.00 28.52  ?  410 HOH A O   1 
HETATM 501 O  O   . HOH F 5 .  ? 3.928   -8.280  1.187   1.00 32.90  ?  411 HOH A O   1 
HETATM 502 O  O   . HOH F 5 .  ? 0.048   -10.671 -7.787  1.00 41.71  ?  412 HOH A O   1 
HETATM 503 O  O   . HOH F 5 .  ? -8.467  2.798   -1.463  1.00 35.10  ?  413 HOH A O   1 
HETATM 504 O  O   . HOH F 5 .  ? 6.538   -4.515  -2.462  1.00 40.58  ?  414 HOH A O   1 
HETATM 505 O  O   . HOH F 5 .  ? 3.943   4.985   -12.787 1.00 18.76  ?  415 HOH A O   1 
HETATM 506 O  O   . HOH F 5 .  ? -2.080  7.665   -10.728 0.50 26.13  ?  416 HOH A O   1 
HETATM 507 O  O   . HOH F 5 .  ? 1.362   -6.479  -8.610  1.00 29.16  ?  417 HOH A O   1 
HETATM 508 O  O   . HOH F 5 .  ? 0.146   10.308  -3.595  1.00 31.57  ?  418 HOH A O   1 
HETATM 509 O  O   . HOH F 5 .  ? 8.243   -0.762  4.625   1.00 29.27  ?  419 HOH A O   1 
HETATM 510 O  O   . HOH F 5 .  ? 5.675   -2.828  2.371   1.00 18.40  ?  420 HOH A O   1 
HETATM 511 O  O   . HOH F 5 .  ? -5.882  8.022   0.204   1.00 31.38  ?  421 HOH A O   1 
HETATM 512 O  O   . HOH F 5 .  ? -5.762  -2.414  6.510   1.00 24.66  ?  422 HOH A O   1 
HETATM 513 O  O   . HOH F 5 .  ? -10.116 -9.926  -1.940  1.00 29.80  ?  423 HOH A O   1 
HETATM 514 O  O   . HOH F 5 .  ? -1.918  0.092   10.944  1.00 23.37  ?  424 HOH A O   1 
HETATM 515 O  O   . HOH F 5 .  ? 5.662   8.503   1.468   1.00 22.97  ?  425 HOH A O   1 
HETATM 516 O  O   . HOH F 5 .  ? -0.178  8.128   -5.461  1.00 43.13  ?  426 HOH A O   1 
HETATM 517 O  O   . HOH F 5 .  ? -5.392  -11.629 1.656   1.00 19.15  ?  427 HOH A O   1 
HETATM 518 O  O   . HOH F 5 .  ? 1.434   -11.165 0.480   1.00 29.06  ?  428 HOH A O   1 
HETATM 519 O  O   . HOH F 5 .  ? 4.399   -6.847  -0.990  1.00 27.93  ?  429 HOH A O   1 
HETATM 520 O  O   . HOH F 5 .  ? 3.412   -4.297  -8.346  1.00 23.39  ?  430 HOH A O   1 
HETATM 521 O  O   . HOH F 5 .  ? -7.411  5.354   -1.385  1.00 42.28  ?  431 HOH A O   1 
HETATM 522 O  O   . HOH F 5 .  ? 4.454   12.889  -11.037 1.00 40.42  ?  432 HOH A O   1 
HETATM 523 O  O   . HOH F 5 .  ? -5.498  0.282   4.408   1.00 24.43  ?  433 HOH A O   1 
HETATM 524 O  O   . HOH F 5 .  ? -0.679  -11.917 -2.275  1.00 48.85  ?  434 HOH A O   1 
HETATM 525 O  O   . HOH F 5 .  ? 1.507   -1.571  13.169  1.00 20.38  ?  435 HOH A O   1 
HETATM 526 O  O   . HOH F 5 .  ? -6.478  3.255   5.413   1.00 27.68  ?  436 HOH A O   1 
HETATM 527 O  O   . HOH F 5 .  ? -4.310  -1.422  8.461   1.00 18.90  ?  437 HOH A O   1 
HETATM 528 O  O   . HOH F 5 .  ? -9.566  -7.920  -4.109  1.00 24.80  ?  438 HOH A O   1 
HETATM 529 O  O   . HOH F 5 .  ? 7.424   1.012   6.341   1.00 28.37  ?  439 HOH A O   1 
HETATM 530 O  O   . HOH F 5 .  ? -5.290  4.279   -7.522  1.00 48.16  ?  440 HOH A O   1 
HETATM 531 O  O   . HOH F 5 .  ? -6.258  0.198   -9.682  1.00 30.36  ?  441 HOH A O   1 
HETATM 532 O  O   . HOH F 5 .  ? 6.943   7.372   -3.450  1.00 38.65  ?  442 HOH A O   1 
HETATM 533 O  O   . HOH F 5 .  ? -2.747  5.586   -7.954  1.00 20.68  ?  443 HOH A O   1 
HETATM 534 O  O   . HOH F 5 .  ? 6.732   5.715   -13.111 1.00 26.57  ?  444 HOH A O   1 
HETATM 535 O  O   . HOH F 5 .  ? 6.484   -4.711  4.440   1.00 21.70  ?  445 HOH A O   1 
HETATM 536 O  O   . HOH F 5 .  ? 8.468   9.491   -11.346 1.00 31.82  ?  446 HOH A O   1 
HETATM 537 O  O   . HOH F 5 .  ? 6.162   0.880   -15.180 1.00 41.01  ?  447 HOH A O   1 
HETATM 538 O  O   . HOH F 5 .  ? 5.430   -6.293  -5.391  1.00 40.68  ?  448 HOH A O   1 
HETATM 539 O  O   . HOH F 5 .  ? -0.488  0.795   -19.099 1.00 27.94  ?  449 HOH A O   1 
HETATM 540 O  O   . HOH F 5 .  ? -4.551  16.588  3.899   1.00 40.65  ?  450 HOH A O   1 
HETATM 541 O  O   . HOH F 5 .  ? -1.993  12.781  8.000   1.00 39.01  ?  451 HOH A O   1 
HETATM 542 O  O   . HOH F 5 .  ? -10.100 -5.489  -5.582  1.00 35.20  ?  452 HOH A O   1 
HETATM 543 O  O   . HOH F 5 .  ? -7.953  -1.675  -7.960  1.00 21.04  ?  453 HOH A O   1 
HETATM 544 O  O   . HOH F 5 .  ? -4.584  16.697  6.475   1.00 29.98  ?  454 HOH A O   1 
HETATM 545 O  O   . HOH F 5 .  ? -4.510  0.665   10.253  1.00 45.28  ?  455 HOH A O   1 
HETATM 546 O  O   . HOH F 5 .  ? -3.620  3.620   9.303   1.00 44.61  ?  456 HOH A O   1 
HETATM 547 O  O   . HOH F 5 .  ? 8.488   -0.808  8.996   1.00 49.76  ?  457 HOH A O   1 
HETATM 548 O  O   . HOH F 5 .  ? 6.019   -5.386  -7.400  1.00 37.54  ?  458 HOH A O   1 
HETATM 549 O  O   . HOH F 5 .  ? 8.733   4.229   -6.416  1.00 34.60  ?  459 HOH A O   1 
HETATM 550 O  O   . HOH F 5 .  ? 3.380   0.354   13.982  1.00 26.25  ?  460 HOH A O   1 
HETATM 551 O  O   . HOH F 5 .  ? -12.834 -2.807  8.925   1.00 41.64  ?  461 HOH A O   1 
HETATM 552 O  O   . HOH F 5 .  ? 1.786   -12.348 -1.677  1.00 46.06  ?  462 HOH A O   1 
# 
loop_
_atom_site_anisotrop.id 
_atom_site_anisotrop.type_symbol 
_atom_site_anisotrop.pdbx_label_atom_id 
_atom_site_anisotrop.pdbx_label_alt_id 
_atom_site_anisotrop.pdbx_label_comp_id 
_atom_site_anisotrop.pdbx_label_asym_id 
_atom_site_anisotrop.pdbx_label_seq_id 
_atom_site_anisotrop.pdbx_PDB_ins_code 
_atom_site_anisotrop.U[1][1] 
_atom_site_anisotrop.U[2][2] 
_atom_site_anisotrop.U[3][3] 
_atom_site_anisotrop.U[1][2] 
_atom_site_anisotrop.U[1][3] 
_atom_site_anisotrop.U[2][3] 
_atom_site_anisotrop.pdbx_auth_seq_id 
_atom_site_anisotrop.pdbx_auth_comp_id 
_atom_site_anisotrop.pdbx_auth_asym_id 
_atom_site_anisotrop.pdbx_auth_atom_id 
442 C C1  . XZJ D . ? 0.3914 0.2345 0.2654 -0.0527 -0.0123 0.0340 303 XZJ A C1  
443 C C10 . XZJ D . ? 0.3202 0.1684 0.1849 -0.0265 0.0087  0.0185 303 XZJ A C10 
444 C C11 . XZJ D . ? 0.3278 0.1883 0.1845 -0.0150 0.0082  0.0227 303 XZJ A C11 
445 C C12 . XZJ D . ? 0.3060 0.1572 0.1886 -0.0362 0.0088  0.0193 303 XZJ A C12 
446 C C13 . XZJ D . ? 0.3231 0.1757 0.1810 -0.0231 0.0175  0.0237 303 XZJ A C13 
447 C C14 . XZJ D . ? 0.3323 0.2105 0.1962 -0.0059 0.0271  0.0298 303 XZJ A C14 
448 C C15 . XZJ D . ? 0.3482 0.2201 0.2206 -0.0034 0.0242  0.0289 303 XZJ A C15 
449 C C16 . XZJ D . ? 0.3538 0.2206 0.2213 0.0001  0.0223  0.0250 303 XZJ A C16 
450 C C17 . XZJ D . ? 0.3575 0.2154 0.2322 -0.0045 0.0208  0.0316 303 XZJ A C17 
451 C C18 . XZJ D . ? 0.3504 0.2231 0.2316 -0.0079 0.0243  0.0278 303 XZJ A C18 
452 C C19 . XZJ D . ? 0.3717 0.2211 0.2358 -0.0515 0.0091  0.0390 303 XZJ A C19 
453 C C2  . XZJ D . ? 0.3835 0.2298 0.2586 -0.0526 -0.0042 0.0344 303 XZJ A C2  
454 C C20 . XZJ D . ? 0.3771 0.2354 0.2444 -0.0488 0.0066  0.0436 303 XZJ A C20 
455 C C21 . XZJ D . ? 0.3766 0.2515 0.2463 -0.0448 0.0053  0.0487 303 XZJ A C21 
456 C C22 . XZJ D . ? 0.3790 0.2379 0.2527 -0.0500 0.0041  0.0454 303 XZJ A C22 
457 C C3  . XZJ D . ? 0.3823 0.2283 0.2641 -0.0529 -0.0002 0.0348 303 XZJ A C3  
458 C C4  . XZJ D . ? 0.3750 0.2215 0.2422 -0.0545 0.0022  0.0334 303 XZJ A C4  
459 C C5  . XZJ D . ? 0.3670 0.2157 0.2342 -0.0511 0.0056  0.0359 303 XZJ A C5  
460 C C6  . XZJ D . ? 0.3558 0.2052 0.2229 -0.0483 0.0056  0.0336 303 XZJ A C6  
461 C C7  . XZJ D . ? 0.3467 0.1915 0.2028 -0.0395 0.0041  0.0245 303 XZJ A C7  
462 C C8  . XZJ D . ? 0.3363 0.1768 0.1905 -0.0246 0.0047  0.0161 303 XZJ A C8  
463 C C9  . XZJ D . ? 0.3301 0.1683 0.1875 -0.0260 0.0047  0.0143 303 XZJ A C9  
464 O O1  . XZJ D . ? 0.3242 0.1751 0.1777 -0.0193 0.0058  0.0157 303 XZJ A O1  
465 O O2  . XZJ D . ? 0.3321 0.2073 0.1773 -0.0043 0.0057  0.0291 303 XZJ A O2  
466 O O3  . XZJ D . ? 0.3012 0.1583 0.1943 -0.0366 0.0016  0.0207 303 XZJ A O3  
467 O O4  . XZJ D . ? 0.3186 0.1855 0.1903 -0.0140 0.0261  0.0284 303 XZJ A O4  
468 O O5  . XZJ D . ? 0.3345 0.2141 0.1887 0.0007  0.0278  0.0286 303 XZJ A O5  
# 
loop_
_pdbx_poly_seq_scheme.asym_id 
_pdbx_poly_seq_scheme.entity_id 
_pdbx_poly_seq_scheme.seq_id 
_pdbx_poly_seq_scheme.mon_id 
_pdbx_poly_seq_scheme.ndb_seq_num 
_pdbx_poly_seq_scheme.pdb_seq_num 
_pdbx_poly_seq_scheme.auth_seq_num 
_pdbx_poly_seq_scheme.pdb_mon_id 
_pdbx_poly_seq_scheme.auth_mon_id 
_pdbx_poly_seq_scheme.pdb_strand_id 
_pdbx_poly_seq_scheme.pdb_ins_code 
_pdbx_poly_seq_scheme.hetero 
A 1 1  MET 1  229 229 MET MET A . n 
A 1 2  PRO 2  230 230 PRO PRO A . n 
A 1 3  HIS 3  231 231 HIS HIS A . n 
A 1 4  ARG 4  232 232 ARG ARG A . n 
A 1 5  PHE 5  233 233 PHE PHE A . n 
A 1 6  LYS 6  234 234 LYS LYS A . n 
A 1 7  VAL 7  235 235 VAL VAL A . n 
A 1 8  TYR 8  236 236 TYR TYR A . n 
A 1 9  ASN 9  237 237 ASN ASN A . n 
A 1 10 TYR 10 238 238 TYR TYR A . n 
A 1 11 MET 11 239 239 MET MET A . n 
A 1 12 SER 12 240 240 SER SER A . n 
A 1 13 PRO 13 241 241 PRO PRO A . n 
A 1 14 THR 14 242 242 THR THR A . n 
A 1 15 PHE 15 243 243 PHE PHE A . n 
A 1 16 CYS 16 244 244 CYS CYS A . n 
A 1 17 ASP 17 245 245 ASP ASP A . n 
A 1 18 HIS 18 246 246 HIS HIS A . n 
A 1 19 CYS 19 247 247 CYS CYS A . n 
A 1 20 GLY 20 248 248 GLY GLY A . n 
A 1 21 SER 21 249 249 SER SER A . n 
A 1 22 LEU 22 250 250 LEU LEU A . n 
A 1 23 LEU 23 251 251 LEU LEU A . n 
A 1 24 TRP 24 252 252 TRP TRP A . n 
A 1 25 GLY 25 253 253 GLY GLY A . n 
A 1 26 LEU 26 254 254 LEU LEU A . n 
A 1 27 VAL 27 255 255 VAL VAL A . n 
A 1 28 LYS 28 256 256 LYS LYS A . n 
A 1 29 GLN 29 257 257 GLN GLN A . n 
A 1 30 GLY 30 258 258 GLY GLY A . n 
A 1 31 LEU 31 259 259 LEU LEU A . n 
A 1 32 LYS 32 260 260 LYS LYS A . n 
A 1 33 CYS 33 261 261 CYS CYS A . n 
A 1 34 GLU 34 262 262 GLU GLU A . n 
A 1 35 ASP 35 263 263 ASP ASP A . n 
A 1 36 CYS 36 264 264 CYS CYS A . n 
A 1 37 GLY 37 265 265 GLY GLY A . n 
A 1 38 MET 38 266 266 MET MET A . n 
A 1 39 ASN 39 267 267 ASN ASN A . n 
A 1 40 VAL 40 268 268 VAL VAL A . n 
A 1 41 HIS 41 269 269 HIS HIS A . n 
A 1 42 HIS 42 270 270 HIS HIS A . n 
A 1 43 LYS 43 271 271 LYS LYS A . n 
A 1 44 CYS 44 272 272 CYS CYS A . n 
A 1 45 ARG 45 273 273 ARG ARG A . n 
A 1 46 GLU 46 274 274 GLU GLU A . n 
A 1 47 LYS 47 275 275 LYS LYS A . n 
A 1 48 VAL 48 276 276 VAL VAL A . n 
A 1 49 ALA 49 277 277 ALA ALA A . n 
A 1 50 ASN 50 278 278 ASN ASN A . n 
A 1 51 LEU 51 279 279 LEU LEU A . n 
A 1 52 CYS 52 280 280 CYS CYS A . n 
A 1 53 GLY 53 281 ?   ?   ?   A . n 
# 
loop_
_pdbx_nonpoly_scheme.asym_id 
_pdbx_nonpoly_scheme.entity_id 
_pdbx_nonpoly_scheme.mon_id 
_pdbx_nonpoly_scheme.ndb_seq_num 
_pdbx_nonpoly_scheme.pdb_seq_num 
_pdbx_nonpoly_scheme.auth_seq_num 
_pdbx_nonpoly_scheme.pdb_mon_id 
_pdbx_nonpoly_scheme.auth_mon_id 
_pdbx_nonpoly_scheme.pdb_strand_id 
_pdbx_nonpoly_scheme.pdb_ins_code 
B 2 ZN  1  301 1  ZN  ZN  A . 
C 2 ZN  1  302 2  ZN  ZN  A . 
D 3 XZJ 1  303 1  XZJ AJH A . 
E 4 XP5 1  304 1  XP5 LIG A . 
F 5 HOH 1  401 25 HOH HOH A . 
F 5 HOH 2  402 55 HOH HOH A . 
F 5 HOH 3  403 43 HOH HOH A . 
F 5 HOH 4  404 26 HOH HOH A . 
F 5 HOH 5  405 23 HOH HOH A . 
F 5 HOH 6  406 19 HOH HOH A . 
F 5 HOH 7  407 39 HOH HOH A . 
F 5 HOH 8  408 14 HOH HOH A . 
F 5 HOH 9  409 47 HOH HOH A . 
F 5 HOH 10 410 12 HOH HOH A . 
F 5 HOH 11 411 27 HOH HOH A . 
F 5 HOH 12 412 33 HOH HOH A . 
F 5 HOH 13 413 54 HOH HOH A . 
F 5 HOH 14 414 46 HOH HOH A . 
F 5 HOH 15 415 2  HOH HOH A . 
F 5 HOH 16 416 5  HOH HOH A . 
F 5 HOH 17 417 57 HOH HOH A . 
F 5 HOH 18 418 28 HOH HOH A . 
F 5 HOH 19 419 29 HOH HOH A . 
F 5 HOH 20 420 1  HOH HOH A . 
F 5 HOH 21 421 22 HOH HOH A . 
F 5 HOH 22 422 35 HOH HOH A . 
F 5 HOH 23 423 38 HOH HOH A . 
F 5 HOH 24 424 15 HOH HOH A . 
F 5 HOH 25 425 8  HOH HOH A . 
F 5 HOH 26 426 24 HOH HOH A . 
F 5 HOH 27 427 4  HOH HOH A . 
F 5 HOH 28 428 20 HOH HOH A . 
F 5 HOH 29 429 16 HOH HOH A . 
F 5 HOH 30 430 11 HOH HOH A . 
F 5 HOH 31 431 56 HOH HOH A . 
F 5 HOH 32 432 50 HOH HOH A . 
F 5 HOH 33 433 13 HOH HOH A . 
F 5 HOH 34 434 58 HOH HOH A . 
F 5 HOH 35 435 6  HOH HOH A . 
F 5 HOH 36 436 36 HOH HOH A . 
F 5 HOH 37 437 3  HOH HOH A . 
F 5 HOH 38 438 34 HOH HOH A . 
F 5 HOH 39 439 30 HOH HOH A . 
F 5 HOH 40 440 52 HOH HOH A . 
F 5 HOH 41 441 40 HOH HOH A . 
F 5 HOH 42 442 51 HOH HOH A . 
F 5 HOH 43 443 10 HOH HOH A . 
F 5 HOH 44 444 41 HOH HOH A . 
F 5 HOH 45 445 9  HOH HOH A . 
F 5 HOH 46 446 21 HOH HOH A . 
F 5 HOH 47 447 60 HOH HOH A . 
F 5 HOH 48 448 48 HOH HOH A . 
F 5 HOH 49 449 37 HOH HOH A . 
F 5 HOH 50 450 44 HOH HOH A . 
F 5 HOH 51 451 53 HOH HOH A . 
F 5 HOH 52 452 45 HOH HOH A . 
F 5 HOH 53 453 7  HOH HOH A . 
F 5 HOH 54 454 18 HOH HOH A . 
F 5 HOH 55 455 61 HOH HOH A . 
F 5 HOH 56 456 62 HOH HOH A . 
F 5 HOH 57 457 32 HOH HOH A . 
F 5 HOH 58 458 49 HOH HOH A . 
F 5 HOH 59 459 42 HOH HOH A . 
F 5 HOH 60 460 17 HOH HOH A . 
F 5 HOH 61 461 31 HOH HOH A . 
F 5 HOH 62 462 59 HOH HOH A . 
# 
_pdbx_struct_assembly.id                   1 
_pdbx_struct_assembly.details              author_defined_assembly 
_pdbx_struct_assembly.method_details       ? 
_pdbx_struct_assembly.oligomeric_details   monomeric 
_pdbx_struct_assembly.oligomeric_count     1 
# 
_pdbx_struct_assembly_gen.assembly_id       1 
_pdbx_struct_assembly_gen.oper_expression   1 
_pdbx_struct_assembly_gen.asym_id_list      A,B,C,D,E,F 
# 
loop_
_pdbx_struct_assembly_prop.biol_id 
_pdbx_struct_assembly_prop.type 
_pdbx_struct_assembly_prop.value 
_pdbx_struct_assembly_prop.details 
1 'ABSA (A^2)' 0    ? 
1 MORE         0    ? 
1 'SSA (A^2)'  4260 ? 
# 
_pdbx_struct_oper_list.id                   1 
_pdbx_struct_oper_list.type                 'identity operation' 
_pdbx_struct_oper_list.name                 1_555 
_pdbx_struct_oper_list.symmetry_operation   x,y,z 
_pdbx_struct_oper_list.matrix[1][1]         1.0000000000 
_pdbx_struct_oper_list.matrix[1][2]         0.0000000000 
_pdbx_struct_oper_list.matrix[1][3]         0.0000000000 
_pdbx_struct_oper_list.vector[1]            0.0000000000 
_pdbx_struct_oper_list.matrix[2][1]         0.0000000000 
_pdbx_struct_oper_list.matrix[2][2]         1.0000000000 
_pdbx_struct_oper_list.matrix[2][3]         0.0000000000 
_pdbx_struct_oper_list.vector[2]            0.0000000000 
_pdbx_struct_oper_list.matrix[3][1]         0.0000000000 
_pdbx_struct_oper_list.matrix[3][2]         0.0000000000 
_pdbx_struct_oper_list.matrix[3][3]         1.0000000000 
_pdbx_struct_oper_list.vector[3]            0.0000000000 
# 
_pdbx_struct_special_symmetry.id              1 
_pdbx_struct_special_symmetry.PDB_model_num   1 
_pdbx_struct_special_symmetry.auth_asym_id    A 
_pdbx_struct_special_symmetry.auth_comp_id    HOH 
_pdbx_struct_special_symmetry.auth_seq_id     416 
_pdbx_struct_special_symmetry.PDB_ins_code    ? 
_pdbx_struct_special_symmetry.label_asym_id   F 
_pdbx_struct_special_symmetry.label_comp_id   HOH 
_pdbx_struct_special_symmetry.label_seq_id    . 
# 
loop_
_pdbx_struct_conn_angle.id 
_pdbx_struct_conn_angle.ptnr1_label_atom_id 
_pdbx_struct_conn_angle.ptnr1_label_alt_id 
_pdbx_struct_conn_angle.ptnr1_label_asym_id 
_pdbx_struct_conn_angle.ptnr1_label_comp_id 
_pdbx_struct_conn_angle.ptnr1_label_seq_id 
_pdbx_struct_conn_angle.ptnr1_auth_atom_id 
_pdbx_struct_conn_angle.ptnr1_auth_asym_id 
_pdbx_struct_conn_angle.ptnr1_auth_comp_id 
_pdbx_struct_conn_angle.ptnr1_auth_seq_id 
_pdbx_struct_conn_angle.ptnr1_PDB_ins_code 
_pdbx_struct_conn_angle.ptnr1_symmetry 
_pdbx_struct_conn_angle.ptnr2_label_atom_id 
_pdbx_struct_conn_angle.ptnr2_label_alt_id 
_pdbx_struct_conn_angle.ptnr2_label_asym_id 
_pdbx_struct_conn_angle.ptnr2_label_comp_id 
_pdbx_struct_conn_angle.ptnr2_label_seq_id 
_pdbx_struct_conn_angle.ptnr2_auth_atom_id 
_pdbx_struct_conn_angle.ptnr2_auth_asym_id 
_pdbx_struct_conn_angle.ptnr2_auth_comp_id 
_pdbx_struct_conn_angle.ptnr2_auth_seq_id 
_pdbx_struct_conn_angle.ptnr2_PDB_ins_code 
_pdbx_struct_conn_angle.ptnr2_symmetry 
_pdbx_struct_conn_angle.ptnr3_label_atom_id 
_pdbx_struct_conn_angle.ptnr3_label_alt_id 
_pdbx_struct_conn_angle.ptnr3_label_asym_id 
_pdbx_struct_conn_angle.ptnr3_label_comp_id 
_pdbx_struct_conn_angle.ptnr3_label_seq_id 
_pdbx_struct_conn_angle.ptnr3_auth_atom_id 
_pdbx_struct_conn_angle.ptnr3_auth_asym_id 
_pdbx_struct_conn_angle.ptnr3_auth_comp_id 
_pdbx_struct_conn_angle.ptnr3_auth_seq_id 
_pdbx_struct_conn_angle.ptnr3_PDB_ins_code 
_pdbx_struct_conn_angle.ptnr3_symmetry 
_pdbx_struct_conn_angle.value 
_pdbx_struct_conn_angle.value_esd 
1  ND1 ? A HIS 3  ? A HIS 231 ? 1_555 ZN ? B ZN . ? A ZN 301 ? 1_555 SG  ? A CYS 33 ? A CYS 261 ? 1_555 112.9 ? 
2  ND1 ? A HIS 3  ? A HIS 231 ? 1_555 ZN ? B ZN . ? A ZN 301 ? 1_555 SG  ? A CYS 36 ? A CYS 264 ? 1_555 107.1 ? 
3  SG  ? A CYS 33 ? A CYS 261 ? 1_555 ZN ? B ZN . ? A ZN 301 ? 1_555 SG  ? A CYS 36 ? A CYS 264 ? 1_555 106.9 ? 
4  ND1 ? A HIS 3  ? A HIS 231 ? 1_555 ZN ? B ZN . ? A ZN 301 ? 1_555 SG  ? A CYS 52 ? A CYS 280 ? 1_555 108.8 ? 
5  SG  ? A CYS 33 ? A CYS 261 ? 1_555 ZN ? B ZN . ? A ZN 301 ? 1_555 SG  ? A CYS 52 ? A CYS 280 ? 1_555 106.3 ? 
6  SG  ? A CYS 36 ? A CYS 264 ? 1_555 ZN ? B ZN . ? A ZN 301 ? 1_555 SG  ? A CYS 52 ? A CYS 280 ? 1_555 115.0 ? 
7  SG  ? A CYS 16 ? A CYS 244 ? 1_555 ZN ? C ZN . ? A ZN 302 ? 1_555 SG  ? A CYS 19 ? A CYS 247 ? 1_555 110.3 ? 
8  SG  ? A CYS 16 ? A CYS 244 ? 1_555 ZN ? C ZN . ? A ZN 302 ? 1_555 ND1 ? A HIS 41 ? A HIS 269 ? 1_555 101.3 ? 
9  SG  ? A CYS 19 ? A CYS 247 ? 1_555 ZN ? C ZN . ? A ZN 302 ? 1_555 ND1 ? A HIS 41 ? A HIS 269 ? 1_555 100.6 ? 
10 SG  ? A CYS 16 ? A CYS 244 ? 1_555 ZN ? C ZN . ? A ZN 302 ? 1_555 SG  ? A CYS 44 ? A CYS 272 ? 1_555 114.4 ? 
11 SG  ? A CYS 19 ? A CYS 247 ? 1_555 ZN ? C ZN . ? A ZN 302 ? 1_555 SG  ? A CYS 44 ? A CYS 272 ? 1_555 114.0 ? 
12 ND1 ? A HIS 41 ? A HIS 269 ? 1_555 ZN ? C ZN . ? A ZN 302 ? 1_555 SG  ? A CYS 44 ? A CYS 272 ? 1_555 114.8 ? 
# 
loop_
_pdbx_audit_revision_history.ordinal 
_pdbx_audit_revision_history.data_content_type 
_pdbx_audit_revision_history.major_revision 
_pdbx_audit_revision_history.minor_revision 
_pdbx_audit_revision_history.revision_date 
1 'Structure model' 1 0 2022-05-04 
2 'Structure model' 1 1 2022-07-13 
3 'Structure model' 1 2 2023-10-18 
# 
_pdbx_audit_revision_details.ordinal             1 
_pdbx_audit_revision_details.revision_ordinal    1 
_pdbx_audit_revision_details.data_content_type   'Structure model' 
_pdbx_audit_revision_details.provider            repository 
_pdbx_audit_revision_details.type                'Initial release' 
_pdbx_audit_revision_details.description         ? 
_pdbx_audit_revision_details.details             ? 
# 
loop_
_pdbx_audit_revision_group.ordinal 
_pdbx_audit_revision_group.revision_ordinal 
_pdbx_audit_revision_group.data_content_type 
_pdbx_audit_revision_group.group 
1 2 'Structure model' 'Database references'    
2 3 'Structure model' 'Data collection'        
3 3 'Structure model' 'Refinement description' 
# 
loop_
_pdbx_audit_revision_category.ordinal 
_pdbx_audit_revision_category.revision_ordinal 
_pdbx_audit_revision_category.data_content_type 
_pdbx_audit_revision_category.category 
1 2 'Structure model' citation                      
2 2 'Structure model' citation_author               
3 3 'Structure model' chem_comp_atom                
4 3 'Structure model' chem_comp_bond                
5 3 'Structure model' pdbx_initial_refinement_model 
# 
loop_
_pdbx_audit_revision_item.ordinal 
_pdbx_audit_revision_item.revision_ordinal 
_pdbx_audit_revision_item.data_content_type 
_pdbx_audit_revision_item.item 
1  2 'Structure model' '_citation.country'                 
2  2 'Structure model' '_citation.journal_abbrev'          
3  2 'Structure model' '_citation.journal_id_CSD'          
4  2 'Structure model' '_citation.journal_id_ISSN'         
5  2 'Structure model' '_citation.journal_volume'          
6  2 'Structure model' '_citation.page_first'              
7  2 'Structure model' '_citation.page_last'               
8  2 'Structure model' '_citation.pdbx_database_id_DOI'    
9  2 'Structure model' '_citation.pdbx_database_id_PubMed' 
10 2 'Structure model' '_citation.title'                   
11 2 'Structure model' '_citation.year'                    
# 
loop_
_software.citation_id 
_software.classification 
_software.compiler_name 
_software.compiler_version 
_software.contact_author 
_software.contact_author_email 
_software.date 
_software.description 
_software.dependencies 
_software.hardware 
_software.language 
_software.location 
_software.mods 
_software.name 
_software.os 
_software.os_version 
_software.type 
_software.version 
_software.pdbx_ordinal 
? 'data reduction'  ? ? ? ? ? ? ? ? ? ? ? XDS         ? ? ? .           1 
? 'data scaling'    ? ? ? ? ? ? ? ? ? ? ? Aimless     ? ? ? 0.7.4       2 
? refinement        ? ? ? ? ? ? ? ? ? ? ? PHENIX      ? ? ? 1.18.2_3874 3 
? 'data extraction' ? ? ? ? ? ? ? ? ? ? ? PDB_EXTRACT ? ? ? 3.27        4 
? phasing           ? ? ? ? ? ? ? ? ? ? ? MOLREP      ? ? ? .           5 
# 
_pdbx_entry_details.entry_id                 7LF3 
_pdbx_entry_details.has_ligand_of_interest   Y 
_pdbx_entry_details.compound_details         ? 
_pdbx_entry_details.source_details           ? 
_pdbx_entry_details.nonpolymer_details       ? 
_pdbx_entry_details.sequence_details         ? 
# 
_pdbx_validate_torsion.id              1 
_pdbx_validate_torsion.PDB_model_num   1 
_pdbx_validate_torsion.auth_comp_id    ASN 
_pdbx_validate_torsion.auth_asym_id    A 
_pdbx_validate_torsion.auth_seq_id     278 
_pdbx_validate_torsion.PDB_ins_code    ? 
_pdbx_validate_torsion.label_alt_id    ? 
_pdbx_validate_torsion.phi             -97.79 
_pdbx_validate_torsion.psi             35.94 
# 
loop_
_pdbx_unobs_or_zero_occ_atoms.id 
_pdbx_unobs_or_zero_occ_atoms.PDB_model_num 
_pdbx_unobs_or_zero_occ_atoms.polymer_flag 
_pdbx_unobs_or_zero_occ_atoms.occupancy_flag 
_pdbx_unobs_or_zero_occ_atoms.auth_asym_id 
_pdbx_unobs_or_zero_occ_atoms.auth_comp_id 
_pdbx_unobs_or_zero_occ_atoms.auth_seq_id 
_pdbx_unobs_or_zero_occ_atoms.PDB_ins_code 
_pdbx_unobs_or_zero_occ_atoms.auth_atom_id 
_pdbx_unobs_or_zero_occ_atoms.label_alt_id 
_pdbx_unobs_or_zero_occ_atoms.label_asym_id 
_pdbx_unobs_or_zero_occ_atoms.label_comp_id 
_pdbx_unobs_or_zero_occ_atoms.label_seq_id 
_pdbx_unobs_or_zero_occ_atoms.label_atom_id 
1  1 N 1 A XP5 304 ? C11 ? E XP5 1 C11 
2  1 N 1 A XP5 304 ? C12 ? E XP5 1 C12 
3  1 N 1 A XP5 304 ? C13 ? E XP5 1 C13 
4  1 N 1 A XP5 304 ? C14 ? E XP5 1 C14 
5  1 N 1 A XP5 304 ? C15 ? E XP5 1 C15 
6  1 N 1 A XP5 304 ? C19 ? E XP5 1 C19 
7  1 N 1 A XP5 304 ? C20 ? E XP5 1 C20 
8  1 N 1 A XP5 304 ? C21 ? E XP5 1 C21 
9  1 N 1 A XP5 304 ? C22 ? E XP5 1 C22 
10 1 N 1 A XP5 304 ? C23 ? E XP5 1 C23 
# 
_pdbx_unobs_or_zero_occ_residues.id               1 
_pdbx_unobs_or_zero_occ_residues.PDB_model_num    1 
_pdbx_unobs_or_zero_occ_residues.polymer_flag     Y 
_pdbx_unobs_or_zero_occ_residues.occupancy_flag   1 
_pdbx_unobs_or_zero_occ_residues.auth_asym_id     A 
_pdbx_unobs_or_zero_occ_residues.auth_comp_id     GLY 
_pdbx_unobs_or_zero_occ_residues.auth_seq_id      281 
_pdbx_unobs_or_zero_occ_residues.PDB_ins_code     ? 
_pdbx_unobs_or_zero_occ_residues.label_asym_id    A 
_pdbx_unobs_or_zero_occ_residues.label_comp_id    GLY 
_pdbx_unobs_or_zero_occ_residues.label_seq_id     53 
# 
loop_
_chem_comp_atom.comp_id 
_chem_comp_atom.atom_id 
_chem_comp_atom.type_symbol 
_chem_comp_atom.pdbx_aromatic_flag 
_chem_comp_atom.pdbx_stereo_config 
_chem_comp_atom.pdbx_ordinal 
ALA N    N  N N 1   
ALA CA   C  N S 2   
ALA C    C  N N 3   
ALA O    O  N N 4   
ALA CB   C  N N 5   
ALA OXT  O  N N 6   
ALA H    H  N N 7   
ALA H2   H  N N 8   
ALA HA   H  N N 9   
ALA HB1  H  N N 10  
ALA HB2  H  N N 11  
ALA HB3  H  N N 12  
ALA HXT  H  N N 13  
ARG N    N  N N 14  
ARG CA   C  N S 15  
ARG C    C  N N 16  
ARG O    O  N N 17  
ARG CB   C  N N 18  
ARG CG   C  N N 19  
ARG CD   C  N N 20  
ARG NE   N  N N 21  
ARG CZ   C  N N 22  
ARG NH1  N  N N 23  
ARG NH2  N  N N 24  
ARG OXT  O  N N 25  
ARG H    H  N N 26  
ARG H2   H  N N 27  
ARG HA   H  N N 28  
ARG HB2  H  N N 29  
ARG HB3  H  N N 30  
ARG HG2  H  N N 31  
ARG HG3  H  N N 32  
ARG HD2  H  N N 33  
ARG HD3  H  N N 34  
ARG HE   H  N N 35  
ARG HH11 H  N N 36  
ARG HH12 H  N N 37  
ARG HH21 H  N N 38  
ARG HH22 H  N N 39  
ARG HXT  H  N N 40  
ASN N    N  N N 41  
ASN CA   C  N S 42  
ASN C    C  N N 43  
ASN O    O  N N 44  
ASN CB   C  N N 45  
ASN CG   C  N N 46  
ASN OD1  O  N N 47  
ASN ND2  N  N N 48  
ASN OXT  O  N N 49  
ASN H    H  N N 50  
ASN H2   H  N N 51  
ASN HA   H  N N 52  
ASN HB2  H  N N 53  
ASN HB3  H  N N 54  
ASN HD21 H  N N 55  
ASN HD22 H  N N 56  
ASN HXT  H  N N 57  
ASP N    N  N N 58  
ASP CA   C  N S 59  
ASP C    C  N N 60  
ASP O    O  N N 61  
ASP CB   C  N N 62  
ASP CG   C  N N 63  
ASP OD1  O  N N 64  
ASP OD2  O  N N 65  
ASP OXT  O  N N 66  
ASP H    H  N N 67  
ASP H2   H  N N 68  
ASP HA   H  N N 69  
ASP HB2  H  N N 70  
ASP HB3  H  N N 71  
ASP HD2  H  N N 72  
ASP HXT  H  N N 73  
CYS N    N  N N 74  
CYS CA   C  N R 75  
CYS C    C  N N 76  
CYS O    O  N N 77  
CYS CB   C  N N 78  
CYS SG   S  N N 79  
CYS OXT  O  N N 80  
CYS H    H  N N 81  
CYS H2   H  N N 82  
CYS HA   H  N N 83  
CYS HB2  H  N N 84  
CYS HB3  H  N N 85  
CYS HG   H  N N 86  
CYS HXT  H  N N 87  
GLN N    N  N N 88  
GLN CA   C  N S 89  
GLN C    C  N N 90  
GLN O    O  N N 91  
GLN CB   C  N N 92  
GLN CG   C  N N 93  
GLN CD   C  N N 94  
GLN OE1  O  N N 95  
GLN NE2  N  N N 96  
GLN OXT  O  N N 97  
GLN H    H  N N 98  
GLN H2   H  N N 99  
GLN HA   H  N N 100 
GLN HB2  H  N N 101 
GLN HB3  H  N N 102 
GLN HG2  H  N N 103 
GLN HG3  H  N N 104 
GLN HE21 H  N N 105 
GLN HE22 H  N N 106 
GLN HXT  H  N N 107 
GLU N    N  N N 108 
GLU CA   C  N S 109 
GLU C    C  N N 110 
GLU O    O  N N 111 
GLU CB   C  N N 112 
GLU CG   C  N N 113 
GLU CD   C  N N 114 
GLU OE1  O  N N 115 
GLU OE2  O  N N 116 
GLU OXT  O  N N 117 
GLU H    H  N N 118 
GLU H2   H  N N 119 
GLU HA   H  N N 120 
GLU HB2  H  N N 121 
GLU HB3  H  N N 122 
GLU HG2  H  N N 123 
GLU HG3  H  N N 124 
GLU HE2  H  N N 125 
GLU HXT  H  N N 126 
GLY N    N  N N 127 
GLY CA   C  N N 128 
GLY C    C  N N 129 
GLY O    O  N N 130 
GLY OXT  O  N N 131 
GLY H    H  N N 132 
GLY H2   H  N N 133 
GLY HA2  H  N N 134 
GLY HA3  H  N N 135 
GLY HXT  H  N N 136 
HIS N    N  N N 137 
HIS CA   C  N S 138 
HIS C    C  N N 139 
HIS O    O  N N 140 
HIS CB   C  N N 141 
HIS CG   C  Y N 142 
HIS ND1  N  Y N 143 
HIS CD2  C  Y N 144 
HIS CE1  C  Y N 145 
HIS NE2  N  Y N 146 
HIS OXT  O  N N 147 
HIS H    H  N N 148 
HIS H2   H  N N 149 
HIS HA   H  N N 150 
HIS HB2  H  N N 151 
HIS HB3  H  N N 152 
HIS HD1  H  N N 153 
HIS HD2  H  N N 154 
HIS HE1  H  N N 155 
HIS HE2  H  N N 156 
HIS HXT  H  N N 157 
HOH O    O  N N 158 
HOH H1   H  N N 159 
HOH H2   H  N N 160 
LEU N    N  N N 161 
LEU CA   C  N S 162 
LEU C    C  N N 163 
LEU O    O  N N 164 
LEU CB   C  N N 165 
LEU CG   C  N N 166 
LEU CD1  C  N N 167 
LEU CD2  C  N N 168 
LEU OXT  O  N N 169 
LEU H    H  N N 170 
LEU H2   H  N N 171 
LEU HA   H  N N 172 
LEU HB2  H  N N 173 
LEU HB3  H  N N 174 
LEU HG   H  N N 175 
LEU HD11 H  N N 176 
LEU HD12 H  N N 177 
LEU HD13 H  N N 178 
LEU HD21 H  N N 179 
LEU HD22 H  N N 180 
LEU HD23 H  N N 181 
LEU HXT  H  N N 182 
LYS N    N  N N 183 
LYS CA   C  N S 184 
LYS C    C  N N 185 
LYS O    O  N N 186 
LYS CB   C  N N 187 
LYS CG   C  N N 188 
LYS CD   C  N N 189 
LYS CE   C  N N 190 
LYS NZ   N  N N 191 
LYS OXT  O  N N 192 
LYS H    H  N N 193 
LYS H2   H  N N 194 
LYS HA   H  N N 195 
LYS HB2  H  N N 196 
LYS HB3  H  N N 197 
LYS HG2  H  N N 198 
LYS HG3  H  N N 199 
LYS HD2  H  N N 200 
LYS HD3  H  N N 201 
LYS HE2  H  N N 202 
LYS HE3  H  N N 203 
LYS HZ1  H  N N 204 
LYS HZ2  H  N N 205 
LYS HZ3  H  N N 206 
LYS HXT  H  N N 207 
MET N    N  N N 208 
MET CA   C  N S 209 
MET C    C  N N 210 
MET O    O  N N 211 
MET CB   C  N N 212 
MET CG   C  N N 213 
MET SD   S  N N 214 
MET CE   C  N N 215 
MET OXT  O  N N 216 
MET H    H  N N 217 
MET H2   H  N N 218 
MET HA   H  N N 219 
MET HB2  H  N N 220 
MET HB3  H  N N 221 
MET HG2  H  N N 222 
MET HG3  H  N N 223 
MET HE1  H  N N 224 
MET HE2  H  N N 225 
MET HE3  H  N N 226 
MET HXT  H  N N 227 
PHE N    N  N N 228 
PHE CA   C  N S 229 
PHE C    C  N N 230 
PHE O    O  N N 231 
PHE CB   C  N N 232 
PHE CG   C  Y N 233 
PHE CD1  C  Y N 234 
PHE CD2  C  Y N 235 
PHE CE1  C  Y N 236 
PHE CE2  C  Y N 237 
PHE CZ   C  Y N 238 
PHE OXT  O  N N 239 
PHE H    H  N N 240 
PHE H2   H  N N 241 
PHE HA   H  N N 242 
PHE HB2  H  N N 243 
PHE HB3  H  N N 244 
PHE HD1  H  N N 245 
PHE HD2  H  N N 246 
PHE HE1  H  N N 247 
PHE HE2  H  N N 248 
PHE HZ   H  N N 249 
PHE HXT  H  N N 250 
PRO N    N  N N 251 
PRO CA   C  N S 252 
PRO C    C  N N 253 
PRO O    O  N N 254 
PRO CB   C  N N 255 
PRO CG   C  N N 256 
PRO CD   C  N N 257 
PRO OXT  O  N N 258 
PRO H    H  N N 259 
PRO HA   H  N N 260 
PRO HB2  H  N N 261 
PRO HB3  H  N N 262 
PRO HG2  H  N N 263 
PRO HG3  H  N N 264 
PRO HD2  H  N N 265 
PRO HD3  H  N N 266 
PRO HXT  H  N N 267 
SER N    N  N N 268 
SER CA   C  N S 269 
SER C    C  N N 270 
SER O    O  N N 271 
SER CB   C  N N 272 
SER OG   O  N N 273 
SER OXT  O  N N 274 
SER H    H  N N 275 
SER H2   H  N N 276 
SER HA   H  N N 277 
SER HB2  H  N N 278 
SER HB3  H  N N 279 
SER HG   H  N N 280 
SER HXT  H  N N 281 
THR N    N  N N 282 
THR CA   C  N S 283 
THR C    C  N N 284 
THR O    O  N N 285 
THR CB   C  N R 286 
THR OG1  O  N N 287 
THR CG2  C  N N 288 
THR OXT  O  N N 289 
THR H    H  N N 290 
THR H2   H  N N 291 
THR HA   H  N N 292 
THR HB   H  N N 293 
THR HG1  H  N N 294 
THR HG21 H  N N 295 
THR HG22 H  N N 296 
THR HG23 H  N N 297 
THR HXT  H  N N 298 
TRP N    N  N N 299 
TRP CA   C  N S 300 
TRP C    C  N N 301 
TRP O    O  N N 302 
TRP CB   C  N N 303 
TRP CG   C  Y N 304 
TRP CD1  C  Y N 305 
TRP CD2  C  Y N 306 
TRP NE1  N  Y N 307 
TRP CE2  C  Y N 308 
TRP CE3  C  Y N 309 
TRP CZ2  C  Y N 310 
TRP CZ3  C  Y N 311 
TRP CH2  C  Y N 312 
TRP OXT  O  N N 313 
TRP H    H  N N 314 
TRP H2   H  N N 315 
TRP HA   H  N N 316 
TRP HB2  H  N N 317 
TRP HB3  H  N N 318 
TRP HD1  H  N N 319 
TRP HE1  H  N N 320 
TRP HE3  H  N N 321 
TRP HZ2  H  N N 322 
TRP HZ3  H  N N 323 
TRP HH2  H  N N 324 
TRP HXT  H  N N 325 
TYR N    N  N N 326 
TYR CA   C  N S 327 
TYR C    C  N N 328 
TYR O    O  N N 329 
TYR CB   C  N N 330 
TYR CG   C  Y N 331 
TYR CD1  C  Y N 332 
TYR CD2  C  Y N 333 
TYR CE1  C  Y N 334 
TYR CE2  C  Y N 335 
TYR CZ   C  Y N 336 
TYR OH   O  N N 337 
TYR OXT  O  N N 338 
TYR H    H  N N 339 
TYR H2   H  N N 340 
TYR HA   H  N N 341 
TYR HB2  H  N N 342 
TYR HB3  H  N N 343 
TYR HD1  H  N N 344 
TYR HD2  H  N N 345 
TYR HE1  H  N N 346 
TYR HE2  H  N N 347 
TYR HH   H  N N 348 
TYR HXT  H  N N 349 
VAL N    N  N N 350 
VAL CA   C  N S 351 
VAL C    C  N N 352 
VAL O    O  N N 353 
VAL CB   C  N N 354 
VAL CG1  C  N N 355 
VAL CG2  C  N N 356 
VAL OXT  O  N N 357 
VAL H    H  N N 358 
VAL H2   H  N N 359 
VAL HA   H  N N 360 
VAL HB   H  N N 361 
VAL HG11 H  N N 362 
VAL HG12 H  N N 363 
VAL HG13 H  N N 364 
VAL HG21 H  N N 365 
VAL HG22 H  N N 366 
VAL HG23 H  N N 367 
VAL HXT  H  N N 368 
XP5 O1   O  N N 369 
XP5 O2   O  N N 370 
XP5 P1   P  N S 371 
XP5 O3   O  N N 372 
XP5 C1   C  N N 373 
XP5 C2   C  N N 374 
XP5 N1   N  N N 375 
XP5 C3   C  N N 376 
XP5 C4   C  N N 377 
XP5 C5   C  N N 378 
XP5 O4   O  N N 379 
XP5 C6   C  N N 380 
XP5 C8   C  N N 381 
XP5 O5   O  N N 382 
XP5 C9   C  N N 383 
XP5 O6   O  N N 384 
XP5 C10  C  N N 385 
XP5 C11  C  N N 386 
XP5 C12  C  N N 387 
XP5 C13  C  N N 388 
XP5 C14  C  N N 389 
XP5 C15  C  N N 390 
XP5 O7   O  N N 391 
XP5 C17  C  N N 392 
XP5 O8   O  N N 393 
XP5 C18  C  N N 394 
XP5 C19  C  N N 395 
XP5 C20  C  N N 396 
XP5 C21  C  N N 397 
XP5 C22  C  N N 398 
XP5 C23  C  N N 399 
XP5 CAM  C  N R 400 
XP5 H2   H  N N 401 
XP5 H11C H  N N 402 
XP5 H12C H  N N 403 
XP5 H21C H  N N 404 
XP5 H22C H  N N 405 
XP5 H31C H  N N 406 
XP5 H32C H  N N 407 
XP5 H33C H  N N 408 
XP5 H41C H  N N 409 
XP5 H42C H  N N 410 
XP5 H43C H  N N 411 
XP5 H51C H  N N 412 
XP5 H52C H  N N 413 
XP5 H53C H  N N 414 
XP5 H61C H  N N 415 
XP5 H62C H  N N 416 
XP5 HAM  H  N N 417 
XP5 H81C H  N N 418 
XP5 H82C H  N N 419 
XP5 H101 H  N N 420 
XP5 H102 H  N N 421 
XP5 H111 H  N N 422 
XP5 H112 H  N N 423 
XP5 H121 H  N N 424 
XP5 H122 H  N N 425 
XP5 H131 H  N N 426 
XP5 H132 H  N N 427 
XP5 H141 H  N N 428 
XP5 H142 H  N N 429 
XP5 H151 H  N N 430 
XP5 H152 H  N N 431 
XP5 H153 H  N N 432 
XP5 H181 H  N N 433 
XP5 H182 H  N N 434 
XP5 H191 H  N N 435 
XP5 H192 H  N N 436 
XP5 H201 H  N N 437 
XP5 H202 H  N N 438 
XP5 H211 H  N N 439 
XP5 H212 H  N N 440 
XP5 H221 H  N N 441 
XP5 H222 H  N N 442 
XP5 H231 H  N N 443 
XP5 H232 H  N N 444 
XP5 H233 H  N N 445 
XZJ C1   C  N N 446 
XZJ C10  C  N R 447 
XZJ C11  C  N N 448 
XZJ C12  C  N N 449 
XZJ C13  C  N N 450 
XZJ C14  C  N N 451 
XZJ C15  C  N N 452 
XZJ C16  C  N N 453 
XZJ C17  C  N N 454 
XZJ C18  C  N N 455 
XZJ C19  C  N N 456 
XZJ C2   C  N N 457 
XZJ C20  C  N N 458 
XZJ C21  C  N N 459 
XZJ C22  C  N N 460 
XZJ C3   C  N N 461 
XZJ C4   C  N N 462 
XZJ C5   C  N N 463 
XZJ C6   C  N N 464 
XZJ C7   C  N N 465 
XZJ C8   C  N N 466 
XZJ C9   C  N N 467 
XZJ O1   O  N N 468 
XZJ O2   O  N N 469 
XZJ O3   O  N N 470 
XZJ O4   O  N N 471 
XZJ O5   O  N N 472 
XZJ H1   H  N N 473 
XZJ H2   H  N N 474 
XZJ H3   H  N N 475 
XZJ H4   H  N N 476 
XZJ H5   H  N N 477 
XZJ H6   H  N N 478 
XZJ H7   H  N N 479 
XZJ H8   H  N N 480 
XZJ H9   H  N N 481 
XZJ H10  H  N N 482 
XZJ H11  H  N N 483 
XZJ H12  H  N N 484 
XZJ H13  H  N N 485 
XZJ H14  H  N N 486 
XZJ H15  H  N N 487 
XZJ H16  H  N N 488 
XZJ H17  H  N N 489 
XZJ H18  H  N N 490 
XZJ H19  H  N N 491 
XZJ H20  H  N N 492 
XZJ H21  H  N N 493 
XZJ H22  H  N N 494 
XZJ H23  H  N N 495 
XZJ H24  H  N N 496 
XZJ H25  H  N N 497 
XZJ H26  H  N N 498 
XZJ H27  H  N N 499 
XZJ H28  H  N N 500 
XZJ H29  H  N N 501 
XZJ H30  H  N N 502 
XZJ H31  H  N N 503 
XZJ H32  H  N N 504 
XZJ H33  H  N N 505 
XZJ H34  H  N N 506 
XZJ H35  H  N N 507 
XZJ H37  H  N N 508 
XZJ H38  H  N N 509 
XZJ H36  H  N N 510 
ZN  ZN   ZN N N 511 
# 
loop_
_chem_comp_bond.comp_id 
_chem_comp_bond.atom_id_1 
_chem_comp_bond.atom_id_2 
_chem_comp_bond.value_order 
_chem_comp_bond.pdbx_aromatic_flag 
_chem_comp_bond.pdbx_stereo_config 
_chem_comp_bond.pdbx_ordinal 
ALA N   CA   sing N N 1   
ALA N   H    sing N N 2   
ALA N   H2   sing N N 3   
ALA CA  C    sing N N 4   
ALA CA  CB   sing N N 5   
ALA CA  HA   sing N N 6   
ALA C   O    doub N N 7   
ALA C   OXT  sing N N 8   
ALA CB  HB1  sing N N 9   
ALA CB  HB2  sing N N 10  
ALA CB  HB3  sing N N 11  
ALA OXT HXT  sing N N 12  
ARG N   CA   sing N N 13  
ARG N   H    sing N N 14  
ARG N   H2   sing N N 15  
ARG CA  C    sing N N 16  
ARG CA  CB   sing N N 17  
ARG CA  HA   sing N N 18  
ARG C   O    doub N N 19  
ARG C   OXT  sing N N 20  
ARG CB  CG   sing N N 21  
ARG CB  HB2  sing N N 22  
ARG CB  HB3  sing N N 23  
ARG CG  CD   sing N N 24  
ARG CG  HG2  sing N N 25  
ARG CG  HG3  sing N N 26  
ARG CD  NE   sing N N 27  
ARG CD  HD2  sing N N 28  
ARG CD  HD3  sing N N 29  
ARG NE  CZ   sing N N 30  
ARG NE  HE   sing N N 31  
ARG CZ  NH1  sing N N 32  
ARG CZ  NH2  doub N N 33  
ARG NH1 HH11 sing N N 34  
ARG NH1 HH12 sing N N 35  
ARG NH2 HH21 sing N N 36  
ARG NH2 HH22 sing N N 37  
ARG OXT HXT  sing N N 38  
ASN N   CA   sing N N 39  
ASN N   H    sing N N 40  
ASN N   H2   sing N N 41  
ASN CA  C    sing N N 42  
ASN CA  CB   sing N N 43  
ASN CA  HA   sing N N 44  
ASN C   O    doub N N 45  
ASN C   OXT  sing N N 46  
ASN CB  CG   sing N N 47  
ASN CB  HB2  sing N N 48  
ASN CB  HB3  sing N N 49  
ASN CG  OD1  doub N N 50  
ASN CG  ND2  sing N N 51  
ASN ND2 HD21 sing N N 52  
ASN ND2 HD22 sing N N 53  
ASN OXT HXT  sing N N 54  
ASP N   CA   sing N N 55  
ASP N   H    sing N N 56  
ASP N   H2   sing N N 57  
ASP CA  C    sing N N 58  
ASP CA  CB   sing N N 59  
ASP CA  HA   sing N N 60  
ASP C   O    doub N N 61  
ASP C   OXT  sing N N 62  
ASP CB  CG   sing N N 63  
ASP CB  HB2  sing N N 64  
ASP CB  HB3  sing N N 65  
ASP CG  OD1  doub N N 66  
ASP CG  OD2  sing N N 67  
ASP OD2 HD2  sing N N 68  
ASP OXT HXT  sing N N 69  
CYS N   CA   sing N N 70  
CYS N   H    sing N N 71  
CYS N   H2   sing N N 72  
CYS CA  C    sing N N 73  
CYS CA  CB   sing N N 74  
CYS CA  HA   sing N N 75  
CYS C   O    doub N N 76  
CYS C   OXT  sing N N 77  
CYS CB  SG   sing N N 78  
CYS CB  HB2  sing N N 79  
CYS CB  HB3  sing N N 80  
CYS SG  HG   sing N N 81  
CYS OXT HXT  sing N N 82  
GLN N   CA   sing N N 83  
GLN N   H    sing N N 84  
GLN N   H2   sing N N 85  
GLN CA  C    sing N N 86  
GLN CA  CB   sing N N 87  
GLN CA  HA   sing N N 88  
GLN C   O    doub N N 89  
GLN C   OXT  sing N N 90  
GLN CB  CG   sing N N 91  
GLN CB  HB2  sing N N 92  
GLN CB  HB3  sing N N 93  
GLN CG  CD   sing N N 94  
GLN CG  HG2  sing N N 95  
GLN CG  HG3  sing N N 96  
GLN CD  OE1  doub N N 97  
GLN CD  NE2  sing N N 98  
GLN NE2 HE21 sing N N 99  
GLN NE2 HE22 sing N N 100 
GLN OXT HXT  sing N N 101 
GLU N   CA   sing N N 102 
GLU N   H    sing N N 103 
GLU N   H2   sing N N 104 
GLU CA  C    sing N N 105 
GLU CA  CB   sing N N 106 
GLU CA  HA   sing N N 107 
GLU C   O    doub N N 108 
GLU C   OXT  sing N N 109 
GLU CB  CG   sing N N 110 
GLU CB  HB2  sing N N 111 
GLU CB  HB3  sing N N 112 
GLU CG  CD   sing N N 113 
GLU CG  HG2  sing N N 114 
GLU CG  HG3  sing N N 115 
GLU CD  OE1  doub N N 116 
GLU CD  OE2  sing N N 117 
GLU OE2 HE2  sing N N 118 
GLU OXT HXT  sing N N 119 
GLY N   CA   sing N N 120 
GLY N   H    sing N N 121 
GLY N   H2   sing N N 122 
GLY CA  C    sing N N 123 
GLY CA  HA2  sing N N 124 
GLY CA  HA3  sing N N 125 
GLY C   O    doub N N 126 
GLY C   OXT  sing N N 127 
GLY OXT HXT  sing N N 128 
HIS N   CA   sing N N 129 
HIS N   H    sing N N 130 
HIS N   H2   sing N N 131 
HIS CA  C    sing N N 132 
HIS CA  CB   sing N N 133 
HIS CA  HA   sing N N 134 
HIS C   O    doub N N 135 
HIS C   OXT  sing N N 136 
HIS CB  CG   sing N N 137 
HIS CB  HB2  sing N N 138 
HIS CB  HB3  sing N N 139 
HIS CG  ND1  sing Y N 140 
HIS CG  CD2  doub Y N 141 
HIS ND1 CE1  doub Y N 142 
HIS ND1 HD1  sing N N 143 
HIS CD2 NE2  sing Y N 144 
HIS CD2 HD2  sing N N 145 
HIS CE1 NE2  sing Y N 146 
HIS CE1 HE1  sing N N 147 
HIS NE2 HE2  sing N N 148 
HIS OXT HXT  sing N N 149 
HOH O   H1   sing N N 150 
HOH O   H2   sing N N 151 
LEU N   CA   sing N N 152 
LEU N   H    sing N N 153 
LEU N   H2   sing N N 154 
LEU CA  C    sing N N 155 
LEU CA  CB   sing N N 156 
LEU CA  HA   sing N N 157 
LEU C   O    doub N N 158 
LEU C   OXT  sing N N 159 
LEU CB  CG   sing N N 160 
LEU CB  HB2  sing N N 161 
LEU CB  HB3  sing N N 162 
LEU CG  CD1  sing N N 163 
LEU CG  CD2  sing N N 164 
LEU CG  HG   sing N N 165 
LEU CD1 HD11 sing N N 166 
LEU CD1 HD12 sing N N 167 
LEU CD1 HD13 sing N N 168 
LEU CD2 HD21 sing N N 169 
LEU CD2 HD22 sing N N 170 
LEU CD2 HD23 sing N N 171 
LEU OXT HXT  sing N N 172 
LYS N   CA   sing N N 173 
LYS N   H    sing N N 174 
LYS N   H2   sing N N 175 
LYS CA  C    sing N N 176 
LYS CA  CB   sing N N 177 
LYS CA  HA   sing N N 178 
LYS C   O    doub N N 179 
LYS C   OXT  sing N N 180 
LYS CB  CG   sing N N 181 
LYS CB  HB2  sing N N 182 
LYS CB  HB3  sing N N 183 
LYS CG  CD   sing N N 184 
LYS CG  HG2  sing N N 185 
LYS CG  HG3  sing N N 186 
LYS CD  CE   sing N N 187 
LYS CD  HD2  sing N N 188 
LYS CD  HD3  sing N N 189 
LYS CE  NZ   sing N N 190 
LYS CE  HE2  sing N N 191 
LYS CE  HE3  sing N N 192 
LYS NZ  HZ1  sing N N 193 
LYS NZ  HZ2  sing N N 194 
LYS NZ  HZ3  sing N N 195 
LYS OXT HXT  sing N N 196 
MET N   CA   sing N N 197 
MET N   H    sing N N 198 
MET N   H2   sing N N 199 
MET CA  C    sing N N 200 
MET CA  CB   sing N N 201 
MET CA  HA   sing N N 202 
MET C   O    doub N N 203 
MET C   OXT  sing N N 204 
MET CB  CG   sing N N 205 
MET CB  HB2  sing N N 206 
MET CB  HB3  sing N N 207 
MET CG  SD   sing N N 208 
MET CG  HG2  sing N N 209 
MET CG  HG3  sing N N 210 
MET SD  CE   sing N N 211 
MET CE  HE1  sing N N 212 
MET CE  HE2  sing N N 213 
MET CE  HE3  sing N N 214 
MET OXT HXT  sing N N 215 
PHE N   CA   sing N N 216 
PHE N   H    sing N N 217 
PHE N   H2   sing N N 218 
PHE CA  C    sing N N 219 
PHE CA  CB   sing N N 220 
PHE CA  HA   sing N N 221 
PHE C   O    doub N N 222 
PHE C   OXT  sing N N 223 
PHE CB  CG   sing N N 224 
PHE CB  HB2  sing N N 225 
PHE CB  HB3  sing N N 226 
PHE CG  CD1  doub Y N 227 
PHE CG  CD2  sing Y N 228 
PHE CD1 CE1  sing Y N 229 
PHE CD1 HD1  sing N N 230 
PHE CD2 CE2  doub Y N 231 
PHE CD2 HD2  sing N N 232 
PHE CE1 CZ   doub Y N 233 
PHE CE1 HE1  sing N N 234 
PHE CE2 CZ   sing Y N 235 
PHE CE2 HE2  sing N N 236 
PHE CZ  HZ   sing N N 237 
PHE OXT HXT  sing N N 238 
PRO N   CA   sing N N 239 
PRO N   CD   sing N N 240 
PRO N   H    sing N N 241 
PRO CA  C    sing N N 242 
PRO CA  CB   sing N N 243 
PRO CA  HA   sing N N 244 
PRO C   O    doub N N 245 
PRO C   OXT  sing N N 246 
PRO CB  CG   sing N N 247 
PRO CB  HB2  sing N N 248 
PRO CB  HB3  sing N N 249 
PRO CG  CD   sing N N 250 
PRO CG  HG2  sing N N 251 
PRO CG  HG3  sing N N 252 
PRO CD  HD2  sing N N 253 
PRO CD  HD3  sing N N 254 
PRO OXT HXT  sing N N 255 
SER N   CA   sing N N 256 
SER N   H    sing N N 257 
SER N   H2   sing N N 258 
SER CA  C    sing N N 259 
SER CA  CB   sing N N 260 
SER CA  HA   sing N N 261 
SER C   O    doub N N 262 
SER C   OXT  sing N N 263 
SER CB  OG   sing N N 264 
SER CB  HB2  sing N N 265 
SER CB  HB3  sing N N 266 
SER OG  HG   sing N N 267 
SER OXT HXT  sing N N 268 
THR N   CA   sing N N 269 
THR N   H    sing N N 270 
THR N   H2   sing N N 271 
THR CA  C    sing N N 272 
THR CA  CB   sing N N 273 
THR CA  HA   sing N N 274 
THR C   O    doub N N 275 
THR C   OXT  sing N N 276 
THR CB  OG1  sing N N 277 
THR CB  CG2  sing N N 278 
THR CB  HB   sing N N 279 
THR OG1 HG1  sing N N 280 
THR CG2 HG21 sing N N 281 
THR CG2 HG22 sing N N 282 
THR CG2 HG23 sing N N 283 
THR OXT HXT  sing N N 284 
TRP N   CA   sing N N 285 
TRP N   H    sing N N 286 
TRP N   H2   sing N N 287 
TRP CA  C    sing N N 288 
TRP CA  CB   sing N N 289 
TRP CA  HA   sing N N 290 
TRP C   O    doub N N 291 
TRP C   OXT  sing N N 292 
TRP CB  CG   sing N N 293 
TRP CB  HB2  sing N N 294 
TRP CB  HB3  sing N N 295 
TRP CG  CD1  doub Y N 296 
TRP CG  CD2  sing Y N 297 
TRP CD1 NE1  sing Y N 298 
TRP CD1 HD1  sing N N 299 
TRP CD2 CE2  doub Y N 300 
TRP CD2 CE3  sing Y N 301 
TRP NE1 CE2  sing Y N 302 
TRP NE1 HE1  sing N N 303 
TRP CE2 CZ2  sing Y N 304 
TRP CE3 CZ3  doub Y N 305 
TRP CE3 HE3  sing N N 306 
TRP CZ2 CH2  doub Y N 307 
TRP CZ2 HZ2  sing N N 308 
TRP CZ3 CH2  sing Y N 309 
TRP CZ3 HZ3  sing N N 310 
TRP CH2 HH2  sing N N 311 
TRP OXT HXT  sing N N 312 
TYR N   CA   sing N N 313 
TYR N   H    sing N N 314 
TYR N   H2   sing N N 315 
TYR CA  C    sing N N 316 
TYR CA  CB   sing N N 317 
TYR CA  HA   sing N N 318 
TYR C   O    doub N N 319 
TYR C   OXT  sing N N 320 
TYR CB  CG   sing N N 321 
TYR CB  HB2  sing N N 322 
TYR CB  HB3  sing N N 323 
TYR CG  CD1  doub Y N 324 
TYR CG  CD2  sing Y N 325 
TYR CD1 CE1  sing Y N 326 
TYR CD1 HD1  sing N N 327 
TYR CD2 CE2  doub Y N 328 
TYR CD2 HD2  sing N N 329 
TYR CE1 CZ   doub Y N 330 
TYR CE1 HE1  sing N N 331 
TYR CE2 CZ   sing Y N 332 
TYR CE2 HE2  sing N N 333 
TYR CZ  OH   sing N N 334 
TYR OH  HH   sing N N 335 
TYR OXT HXT  sing N N 336 
VAL N   CA   sing N N 337 
VAL N   H    sing N N 338 
VAL N   H2   sing N N 339 
VAL CA  C    sing N N 340 
VAL CA  CB   sing N N 341 
VAL CA  HA   sing N N 342 
VAL C   O    doub N N 343 
VAL C   OXT  sing N N 344 
VAL CB  CG1  sing N N 345 
VAL CB  CG2  sing N N 346 
VAL CB  HB   sing N N 347 
VAL CG1 HG11 sing N N 348 
VAL CG1 HG12 sing N N 349 
VAL CG1 HG13 sing N N 350 
VAL CG2 HG21 sing N N 351 
VAL CG2 HG22 sing N N 352 
VAL CG2 HG23 sing N N 353 
VAL OXT HXT  sing N N 354 
XP5 O1  P1   doub N N 355 
XP5 O2  P1   sing N N 356 
XP5 P1  O3   sing N N 357 
XP5 P1  O4   sing N N 358 
XP5 O3  C1   sing N N 359 
XP5 C1  C2   sing N N 360 
XP5 C2  N1   sing N N 361 
XP5 N1  C3   sing N N 362 
XP5 N1  C4   sing N N 363 
XP5 N1  C5   sing N N 364 
XP5 O4  C6   sing N N 365 
XP5 C6  CAM  sing N N 366 
XP5 C8  O5   sing N N 367 
XP5 C8  CAM  sing N N 368 
XP5 O5  C9   sing N N 369 
XP5 C9  O6   doub N N 370 
XP5 C9  C10  sing N N 371 
XP5 C10 C11  sing N N 372 
XP5 C11 C12  sing N N 373 
XP5 C12 C13  sing N N 374 
XP5 C13 C14  sing N N 375 
XP5 C14 C15  sing N N 376 
XP5 O7  C17  doub N N 377 
XP5 C17 O8   sing N N 378 
XP5 C17 C18  sing N N 379 
XP5 O8  CAM  sing N N 380 
XP5 C18 C19  sing N N 381 
XP5 C19 C20  sing N N 382 
XP5 C20 C21  sing N N 383 
XP5 C21 C22  sing N N 384 
XP5 C22 C23  sing N N 385 
XP5 O2  H2   sing N N 386 
XP5 C1  H11C sing N N 387 
XP5 C1  H12C sing N N 388 
XP5 C2  H21C sing N N 389 
XP5 C2  H22C sing N N 390 
XP5 C3  H31C sing N N 391 
XP5 C3  H32C sing N N 392 
XP5 C3  H33C sing N N 393 
XP5 C4  H41C sing N N 394 
XP5 C4  H42C sing N N 395 
XP5 C4  H43C sing N N 396 
XP5 C5  H51C sing N N 397 
XP5 C5  H52C sing N N 398 
XP5 C5  H53C sing N N 399 
XP5 C6  H61C sing N N 400 
XP5 C6  H62C sing N N 401 
XP5 CAM HAM  sing N N 402 
XP5 C8  H81C sing N N 403 
XP5 C8  H82C sing N N 404 
XP5 C10 H101 sing N N 405 
XP5 C10 H102 sing N N 406 
XP5 C11 H111 sing N N 407 
XP5 C11 H112 sing N N 408 
XP5 C12 H121 sing N N 409 
XP5 C12 H122 sing N N 410 
XP5 C13 H131 sing N N 411 
XP5 C13 H132 sing N N 412 
XP5 C14 H141 sing N N 413 
XP5 C14 H142 sing N N 414 
XP5 C15 H151 sing N N 415 
XP5 C15 H152 sing N N 416 
XP5 C15 H153 sing N N 417 
XP5 C18 H181 sing N N 418 
XP5 C18 H182 sing N N 419 
XP5 C19 H191 sing N N 420 
XP5 C19 H192 sing N N 421 
XP5 C20 H201 sing N N 422 
XP5 C20 H202 sing N N 423 
XP5 C21 H211 sing N N 424 
XP5 C21 H212 sing N N 425 
XP5 C22 H221 sing N N 426 
XP5 C22 H222 sing N N 427 
XP5 C23 H231 sing N N 428 
XP5 C23 H232 sing N N 429 
XP5 C23 H233 sing N N 430 
XZJ O3  C12  sing N N 431 
XZJ O5  C14  doub N N 432 
XZJ C13 O4   sing N N 433 
XZJ C13 C10  sing N N 434 
XZJ C12 C10  sing N N 435 
XZJ C16 C15  sing N N 436 
XZJ C14 O4   sing N N 437 
XZJ C14 C15  sing N N 438 
XZJ O1  C10  sing N N 439 
XZJ O1  C11  sing N N 440 
XZJ C10 C9   sing N N 441 
XZJ C15 C17  sing N N 442 
XZJ C15 C18  sing N N 443 
XZJ C11 O2   doub N N 444 
XZJ C11 C8   sing N N 445 
XZJ C9  C8   sing N N 446 
XZJ C8  C7   doub N E 447 
XZJ C7  C6   sing N N 448 
XZJ C6  C5   sing N N 449 
XZJ C22 C20  sing N N 450 
XZJ C19 C20  sing N N 451 
XZJ C19 C5   sing N N 452 
XZJ C20 C21  sing N N 453 
XZJ C5  C4   sing N N 454 
XZJ C4  C2   sing N N 455 
XZJ C2  C1   sing N N 456 
XZJ C2  C3   sing N N 457 
XZJ C1  H1   sing N N 458 
XZJ C1  H2   sing N N 459 
XZJ C1  H3   sing N N 460 
XZJ C12 H4   sing N N 461 
XZJ C12 H5   sing N N 462 
XZJ C13 H6   sing N N 463 
XZJ C13 H7   sing N N 464 
XZJ C16 H8   sing N N 465 
XZJ C16 H9   sing N N 466 
XZJ C16 H10  sing N N 467 
XZJ C17 H11  sing N N 468 
XZJ C17 H12  sing N N 469 
XZJ C17 H13  sing N N 470 
XZJ C18 H14  sing N N 471 
XZJ C18 H15  sing N N 472 
XZJ C18 H16  sing N N 473 
XZJ C19 H17  sing N N 474 
XZJ C19 H18  sing N N 475 
XZJ C2  H19  sing N N 476 
XZJ C20 H20  sing N N 477 
XZJ C21 H21  sing N N 478 
XZJ C21 H22  sing N N 479 
XZJ C21 H23  sing N N 480 
XZJ C22 H24  sing N N 481 
XZJ C22 H25  sing N N 482 
XZJ C22 H26  sing N N 483 
XZJ C3  H27  sing N N 484 
XZJ C3  H28  sing N N 485 
XZJ C3  H29  sing N N 486 
XZJ C4  H30  sing N N 487 
XZJ C4  H31  sing N N 488 
XZJ C5  H32  sing N N 489 
XZJ C6  H33  sing N N 490 
XZJ C6  H34  sing N N 491 
XZJ C7  H35  sing N N 492 
XZJ C9  H37  sing N N 493 
XZJ O3  H38  sing N N 494 
XZJ C9  H36  sing N N 495 
# 
_pdbx_audit_support.funding_organization   
'National Institutes of Health/National Institute of General Medical Sciences (NIH/NIGMS)' 
_pdbx_audit_support.country                'United States' 
_pdbx_audit_support.grant_number           R01GM108998 
_pdbx_audit_support.ordinal                1 
# 
loop_
_pdbx_entity_instance_feature.ordinal 
_pdbx_entity_instance_feature.comp_id 
_pdbx_entity_instance_feature.asym_id 
_pdbx_entity_instance_feature.seq_num 
_pdbx_entity_instance_feature.auth_comp_id 
_pdbx_entity_instance_feature.auth_asym_id 
_pdbx_entity_instance_feature.auth_seq_num 
_pdbx_entity_instance_feature.feature_type 
_pdbx_entity_instance_feature.details 
1 XZJ ? ? XZJ ? ? 'SUBJECT OF INVESTIGATION' ? 
2 XP5 ? ? XP5 ? ? 'SUBJECT OF INVESTIGATION' ? 
# 
loop_
_pdbx_entity_nonpoly.entity_id 
_pdbx_entity_nonpoly.name 
_pdbx_entity_nonpoly.comp_id 
2 'ZINC ION'                                                                                                            ZN  
3 '{(2R,4E)-2-(hydroxymethyl)-4-[5-methyl-3-(2-methylpropyl)hexylidene]-5-oxooxolan-2-yl}methyl 2,2-dimethylpropanoate' XZJ 
4 '(4S,7R)-7-(heptanoyloxy)-4-hydroxy-N,N,N-trimethyl-10-oxo-3,5,9-trioxa-4-phosphahexadecan-1-aminium 4-oxide'         XP5 
5 water                                                                                                                 HOH 
# 
_pdbx_initial_refinement_model.id               1 
_pdbx_initial_refinement_model.entity_id_list   ? 
_pdbx_initial_refinement_model.type             'experimental model' 
_pdbx_initial_refinement_model.source_name      PDB 
_pdbx_initial_refinement_model.accession_code   1PTQ 
_pdbx_initial_refinement_model.details          ? 
# 
_pdbx_struct_assembly_auth_evidence.id                     1 
_pdbx_struct_assembly_auth_evidence.assembly_id            1 
_pdbx_struct_assembly_auth_evidence.experimental_support   'NMR relaxation study' 
_pdbx_struct_assembly_auth_evidence.details                ? 
# 
